data_8TO3
#
_entry.id   8TO3
#
_cell.length_a   56.999
_cell.length_b   73.369
_cell.length_c   150.591
_cell.angle_alpha   90.00
_cell.angle_beta   99.60
_cell.angle_gamma   90.00
#
_symmetry.space_group_name_H-M   'P 1 21 1'
#
loop_
_entity.id
_entity.type
_entity.pdbx_description
1 polymer 'Epidermal growth factor receptor'
2 non-polymer 'MAGNESIUM ION'
3 non-polymer 'PHOSPHOAMINOPHOSPHONIC ACID-ADENYLATE ESTER'
4 non-polymer 3-hydroxy-N-{(3P)-3-[(4P)-2-(methylsulfanyl)-5-{2-[4-(piperazin-1-yl)anilino]pyridin-4-yl}-1H-imidazol-4-yl]phenyl}-2-[(1-oxo-1,3-dihydro-2H-isoindol-2-yl)methyl]benzamide
5 water water
#
_entity_poly.entity_id   1
_entity_poly.type   'polypeptide(L)'
_entity_poly.pdbx_seq_one_letter_code
;SGEAPNQALLRILKETEFKKIKVLGSGAFGTVYKGLWIPEGEKVKIPVAIKELREATSPKANKEILDEAYVMASVDNPHV
CRLLGICLTSTVQLIMQLMPFGCLLDYVREHKDNIGSQYLLNWCVQIAKGMNYLEDRRLVHRDLAARNVLVKTPQHVKIT
DFGLAKLLGAEEKEYHAEGGKVPIKWMALESILHRIYTHQSDVWSYGVTVWELMTFGSKPYDGIPASEISSILEKGERLP
QPPICTIDVYMIMRKCWMIDADSRPKFRELIIEFSKMARDPQRYLVIQGDERMHLPSPTDSNFYRALMDEEDMDDVVDAD
EYLIPQQG
;
_entity_poly.pdbx_strand_id   D,A,B,C
#
loop_
_chem_comp.id
_chem_comp.type
_chem_comp.name
_chem_comp.formula
ANP non-polymer 'PHOSPHOAMINOPHOSPHONIC ACID-ADENYLATE ESTER' 'C10 H17 N6 O12 P3'
IXC non-polymer 3-hydroxy-N-{(3P)-3-[(4P)-2-(methylsulfanyl)-5-{2-[4-(piperazin-1-yl)anilino]pyridin-4-yl}-1H-imidazol-4-yl]phenyl}-2-[(1-oxo-1,3-dihydro-2H-isoindol-2-yl)methyl]benzamide 'C41 H38 N8 O3 S'
MG non-polymer 'MAGNESIUM ION' 'Mg 2'
#
# COMPACT_ATOMS: atom_id res chain seq x y z
N ALA A 8 -17.73 4.14 21.95
CA ALA A 8 -17.86 4.85 23.21
C ALA A 8 -16.55 5.50 23.69
N LEU A 9 -15.45 5.16 23.03
CA LEU A 9 -14.15 5.61 23.47
C LEU A 9 -13.80 7.01 22.94
N LEU A 10 -14.68 7.63 22.15
CA LEU A 10 -14.41 8.91 21.53
C LEU A 10 -15.59 9.86 21.79
N ARG A 11 -15.29 10.97 22.45
CA ARG A 11 -16.34 11.89 22.82
C ARG A 11 -16.39 13.02 21.81
N ILE A 12 -17.52 13.11 21.12
CA ILE A 12 -17.80 14.26 20.27
C ILE A 12 -18.11 15.46 21.16
N LEU A 13 -17.39 16.56 20.95
CA LEU A 13 -17.55 17.75 21.78
C LEU A 13 -18.15 18.90 20.99
N LYS A 14 -19.01 19.67 21.63
CA LYS A 14 -19.46 20.95 21.10
C LYS A 14 -18.42 22.02 21.41
N GLU A 15 -18.24 22.93 20.45
CA GLU A 15 -17.35 24.08 20.63
C GLU A 15 -17.57 24.78 21.97
N THR A 16 -18.82 24.83 22.42
CA THR A 16 -19.21 25.63 23.56
C THR A 16 -18.81 25.02 24.88
N GLU A 17 -18.20 23.84 24.86
CA GLU A 17 -17.91 23.14 26.10
C GLU A 17 -16.42 22.90 26.29
N PHE A 18 -15.58 23.65 25.59
CA PHE A 18 -14.15 23.65 25.85
C PHE A 18 -13.60 24.94 25.26
N LYS A 19 -12.48 25.42 25.80
CA LYS A 19 -11.88 26.65 25.31
C LYS A 19 -10.37 26.50 25.19
N LYS A 20 -9.83 26.96 24.08
CA LYS A 20 -8.39 27.10 23.97
C LYS A 20 -7.91 28.25 24.86
N ILE A 21 -6.73 28.08 25.47
CA ILE A 21 -6.28 29.07 26.45
C ILE A 21 -4.90 29.65 26.09
N LYS A 22 -3.85 28.83 26.08
CA LYS A 22 -2.51 29.26 25.65
C LYS A 22 -1.91 28.26 24.66
N VAL A 23 -1.14 28.77 23.71
CA VAL A 23 -0.45 27.89 22.78
C VAL A 23 0.72 27.24 23.50
N LEU A 24 0.86 25.93 23.32
CA LEU A 24 2.03 25.22 23.78
C LEU A 24 3.06 25.06 22.67
N GLY A 25 2.62 24.75 21.45
CA GLY A 25 3.54 24.64 20.34
C GLY A 25 2.77 24.39 19.06
N SER A 26 3.53 24.23 17.99
CA SER A 26 2.95 24.05 16.69
C SER A 26 3.92 23.28 15.84
N GLY A 27 3.39 22.37 15.03
CA GLY A 27 4.19 21.66 14.05
C GLY A 27 3.53 21.73 12.67
N ALA A 28 3.50 20.58 12.00
CA ALA A 28 3.00 20.49 10.63
C ALA A 28 1.54 20.06 10.53
N PHE A 29 1.04 19.33 11.53
CA PHE A 29 -0.37 18.96 11.61
C PHE A 29 -1.20 20.14 12.11
N THR A 31 -1.35 23.12 15.40
CA THR A 31 -1.15 23.92 16.62
C THR A 31 -1.78 23.27 17.90
N VAL A 32 -0.95 23.12 18.94
CA VAL A 32 -1.35 22.45 20.17
C VAL A 32 -1.63 23.51 21.23
N TYR A 33 -2.78 23.39 21.89
CA TYR A 33 -3.23 24.38 22.86
C TYR A 33 -3.39 23.74 24.24
N LYS A 34 -2.98 24.48 25.27
CA LYS A 34 -3.43 24.17 26.61
C LYS A 34 -4.84 24.74 26.74
N GLY A 35 -5.83 23.85 26.98
CA GLY A 35 -7.23 24.23 26.99
C GLY A 35 -7.94 23.79 28.26
N LEU A 36 -9.26 24.06 28.28
CA LEU A 36 -10.10 23.95 29.47
C LEU A 36 -11.43 23.33 29.07
N TRP A 37 -11.66 22.10 29.54
CA TRP A 37 -12.93 21.43 29.36
C TRP A 37 -13.90 21.83 30.47
N ILE A 38 -15.07 22.33 30.09
CA ILE A 38 -16.12 22.66 31.06
C ILE A 38 -17.24 21.64 30.89
N PRO A 39 -17.31 20.60 31.73
CA PRO A 39 -18.43 19.67 31.61
C PRO A 39 -19.72 20.42 31.86
N GLU A 40 -20.78 19.96 31.18
CA GLU A 40 -22.10 20.62 31.29
C GLU A 40 -22.65 20.46 32.70
N GLY A 41 -23.29 21.52 33.20
CA GLY A 41 -23.83 21.48 34.54
C GLY A 41 -22.84 21.60 35.65
N GLU A 42 -21.58 21.93 35.40
CA GLU A 42 -20.61 21.99 36.49
C GLU A 42 -20.00 23.38 36.58
N LYS A 43 -19.31 23.61 37.70
CA LYS A 43 -18.59 24.86 37.92
C LYS A 43 -17.07 24.67 37.89
N VAL A 44 -16.60 23.52 37.41
CA VAL A 44 -15.17 23.26 37.32
C VAL A 44 -14.73 23.38 35.88
N LYS A 45 -13.49 23.84 35.70
CA LYS A 45 -12.82 23.87 34.41
C LYS A 45 -11.68 22.87 34.48
N ILE A 46 -11.68 21.89 33.57
CA ILE A 46 -10.77 20.76 33.63
C ILE A 46 -9.73 20.90 32.53
N PRO A 47 -8.45 20.99 32.86
CA PRO A 47 -7.43 21.22 31.83
C PRO A 47 -7.34 20.04 30.86
N VAL A 48 -7.26 20.37 29.57
CA VAL A 48 -7.10 19.39 28.51
C VAL A 48 -6.10 19.96 27.52
N ALA A 49 -5.59 19.07 26.68
CA ALA A 49 -4.76 19.47 25.56
C ALA A 49 -5.62 19.45 24.32
N ILE A 50 -5.53 20.50 23.51
CA ILE A 50 -6.26 20.58 22.25
C ILE A 50 -5.28 20.76 21.12
N LYS A 51 -5.36 19.84 20.16
CA LYS A 51 -4.58 19.96 18.91
C LYS A 51 -5.55 20.37 17.81
N GLU A 52 -5.28 21.49 17.16
CA GLU A 52 -6.10 21.94 16.02
C GLU A 52 -5.29 21.79 14.72
N LEU A 53 -5.90 21.25 13.67
CA LEU A 53 -5.20 21.04 12.38
C LEU A 53 -5.55 22.16 11.40
N ARG A 54 -5.18 22.02 10.13
CA ARG A 54 -5.41 23.09 9.12
C ARG A 54 -6.88 23.07 8.66
N GLU A 55 -7.13 23.36 7.38
CA GLU A 55 -8.53 23.43 6.93
C GLU A 55 -9.17 22.04 6.86
N ALA A 56 -10.44 21.99 6.56
CA ALA A 56 -11.19 20.70 6.51
C ALA A 56 -12.43 20.87 5.62
N THR A 57 -12.97 19.75 5.12
CA THR A 57 -14.18 19.81 4.25
C THR A 57 -15.30 18.97 4.84
N SER A 58 -16.45 19.59 5.08
CA SER A 58 -17.62 18.82 5.54
C SER A 58 -18.00 17.80 4.47
N PRO A 59 -18.19 18.17 3.19
CA PRO A 59 -18.65 17.23 2.16
C PRO A 59 -17.75 16.00 2.03
N LYS A 60 -16.76 15.85 2.91
CA LYS A 60 -15.79 14.78 2.76
C LYS A 60 -15.17 14.43 4.10
N ALA A 61 -14.07 15.11 4.44
CA ALA A 61 -13.29 14.87 5.66
C ALA A 61 -14.16 14.98 6.90
N ASN A 62 -15.11 14.07 7.03
CA ASN A 62 -15.86 13.92 8.26
C ASN A 62 -15.68 12.51 8.80
N LYS A 63 -16.26 11.50 8.15
CA LYS A 63 -16.05 10.11 8.62
C LYS A 63 -14.62 9.69 8.39
N GLU A 64 -14.03 10.08 7.27
CA GLU A 64 -12.61 9.80 7.02
C GLU A 64 -11.77 10.17 8.22
N ILE A 65 -12.09 11.34 8.81
CA ILE A 65 -11.43 11.79 10.04
C ILE A 65 -12.04 11.08 11.23
N LEU A 66 -13.38 11.03 11.29
CA LEU A 66 -14.04 10.44 12.45
C LEU A 66 -13.79 8.95 12.53
N ASP A 67 -13.88 8.24 11.41
CA ASP A 67 -13.64 6.79 11.43
C ASP A 67 -12.22 6.47 11.84
N GLU A 68 -11.26 7.24 11.35
CA GLU A 68 -9.89 6.97 11.77
C GLU A 68 -9.62 7.48 13.18
N ALA A 69 -10.41 8.47 13.64
CA ALA A 69 -10.29 8.93 15.04
C ALA A 69 -10.79 7.88 16.01
N TYR A 70 -11.80 7.11 15.61
CA TYR A 70 -12.23 6.02 16.49
C TYR A 70 -11.08 5.06 16.71
N VAL A 71 -10.28 4.84 15.67
CA VAL A 71 -9.09 3.98 15.79
C VAL A 71 -8.14 4.57 16.83
N MET A 72 -7.93 5.88 16.74
CA MET A 72 -7.04 6.57 17.67
C MET A 72 -7.60 6.64 19.07
N ALA A 73 -8.93 6.60 19.21
CA ALA A 73 -9.58 6.57 20.50
C ALA A 73 -9.62 5.16 21.11
N SER A 74 -9.17 4.15 20.35
CA SER A 74 -9.14 2.76 20.82
C SER A 74 -7.80 2.34 21.39
N VAL A 75 -6.74 3.13 21.20
CA VAL A 75 -5.44 2.69 21.68
C VAL A 75 -5.43 2.72 23.20
N ASP A 76 -5.12 1.58 23.81
CA ASP A 76 -5.23 1.39 25.24
C ASP A 76 -3.90 0.79 25.68
N ASN A 77 -2.96 1.62 26.00
CA ASN A 77 -1.64 1.17 26.35
C ASN A 77 -0.98 2.20 27.25
N PRO A 78 -0.20 1.79 28.24
CA PRO A 78 0.37 2.77 29.18
C PRO A 78 1.34 3.74 28.52
N HIS A 79 1.79 3.42 27.32
CA HIS A 79 2.88 4.11 26.66
C HIS A 79 2.46 4.61 25.30
N VAL A 80 1.15 4.73 25.09
CA VAL A 80 0.67 5.34 23.87
C VAL A 80 -0.46 6.27 24.25
N CYS A 81 -0.36 7.52 23.82
CA CYS A 81 -1.41 8.48 24.16
C CYS A 81 -2.67 8.18 23.39
N ARG A 82 -3.79 8.19 24.08
CA ARG A 82 -5.07 7.92 23.46
C ARG A 82 -5.76 9.23 23.10
N LEU A 83 -6.41 9.26 21.94
CA LEU A 83 -7.29 10.38 21.59
C LEU A 83 -8.57 10.26 22.39
N LEU A 84 -8.98 11.31 23.10
CA LEU A 84 -10.18 11.25 23.95
C LEU A 84 -11.43 11.83 23.31
N GLY A 85 -11.29 12.96 22.62
CA GLY A 85 -12.44 13.61 22.03
C GLY A 85 -12.06 14.34 20.76
N ILE A 86 -13.09 14.72 20.03
CA ILE A 86 -12.92 15.42 18.75
C ILE A 86 -14.02 16.47 18.67
N CYS A 87 -13.72 17.54 17.92
CA CYS A 87 -14.64 18.60 17.56
C CYS A 87 -14.45 18.92 16.09
N LEU A 88 -15.49 18.69 15.29
CA LEU A 88 -15.44 18.74 13.82
C LEU A 88 -16.19 19.98 13.33
N THR A 89 -15.46 21.06 13.07
CA THR A 89 -16.05 22.31 12.64
C THR A 89 -15.51 22.72 11.28
N SER A 90 -15.24 24.02 11.07
CA SER A 90 -14.39 24.42 9.95
C SER A 90 -13.01 23.78 10.08
N THR A 91 -12.37 23.97 11.22
CA THR A 91 -11.17 23.27 11.57
C THR A 91 -11.52 21.88 12.13
N VAL A 92 -10.48 21.15 12.54
CA VAL A 92 -10.60 19.86 13.22
C VAL A 92 -9.82 19.96 14.51
N GLN A 93 -10.45 19.64 15.64
CA GLN A 93 -9.82 19.79 16.94
C GLN A 93 -9.85 18.49 17.71
N LEU A 94 -8.67 18.02 18.10
CA LEU A 94 -8.53 16.77 18.83
C LEU A 94 -8.13 17.07 20.26
N ILE A 95 -8.84 16.44 21.20
CA ILE A 95 -8.66 16.68 22.63
C ILE A 95 -8.01 15.43 23.23
N MET A 96 -6.98 15.65 24.04
CA MET A 96 -6.22 14.57 24.67
C MET A 96 -5.77 15.04 26.05
N GLN A 97 -5.24 14.12 26.84
CA GLN A 97 -4.76 14.50 28.16
C GLN A 97 -3.60 15.46 28.04
N LEU A 98 -3.70 16.60 28.71
CA LEU A 98 -2.56 17.49 28.81
C LEU A 98 -1.41 16.80 29.54
N MET A 99 -0.24 16.83 28.94
CA MET A 99 0.96 16.34 29.61
C MET A 99 1.84 17.51 30.00
N PRO A 100 1.89 17.92 31.28
CA PRO A 100 2.54 19.20 31.63
C PRO A 100 4.04 19.22 31.45
N PHE A 101 4.69 18.08 31.27
CA PHE A 101 6.13 18.09 31.13
C PHE A 101 6.61 18.35 29.72
N GLY A 102 5.77 18.10 28.71
CA GLY A 102 6.16 18.30 27.32
C GLY A 102 6.90 17.11 26.73
N CYS A 103 7.44 17.34 25.52
CA CYS A 103 8.02 16.24 24.76
C CYS A 103 9.38 15.82 25.33
N LEU A 104 9.73 14.57 25.06
CA LEU A 104 10.98 14.05 25.56
C LEU A 104 12.18 14.75 24.92
N LEU A 105 12.03 15.23 23.67
CA LEU A 105 13.16 15.91 23.02
C LEU A 105 13.61 17.13 23.82
N ASP A 106 12.71 18.09 24.03
CA ASP A 106 13.02 19.25 24.86
C ASP A 106 13.37 18.85 26.30
N TYR A 107 12.77 17.76 26.80
CA TYR A 107 13.04 17.33 28.17
C TYR A 107 14.52 16.98 28.36
N VAL A 108 15.03 16.02 27.58
CA VAL A 108 16.41 15.58 27.72
C VAL A 108 17.34 16.69 27.28
N ARG A 109 16.84 17.61 26.46
CA ARG A 109 17.60 18.77 26.05
C ARG A 109 17.77 19.80 27.17
N GLU A 110 16.72 20.03 27.98
CA GLU A 110 16.84 20.95 29.09
C GLU A 110 17.47 20.29 30.30
N HIS A 111 17.50 18.96 30.34
CA HIS A 111 18.10 18.21 31.44
C HIS A 111 19.34 17.43 30.99
N LYS A 112 20.12 17.96 30.03
CA LYS A 112 21.31 17.23 29.58
C LYS A 112 22.15 16.78 30.76
N ASP A 113 22.50 17.73 31.64
CA ASP A 113 23.35 17.44 32.79
C ASP A 113 22.64 16.62 33.84
N ASN A 114 21.54 15.95 33.48
CA ASN A 114 20.78 15.29 34.53
C ASN A 114 20.02 14.04 34.08
N ILE A 115 20.35 13.45 32.95
CA ILE A 115 19.70 12.23 32.49
C ILE A 115 20.66 11.07 32.70
N GLY A 116 20.33 10.19 33.63
CA GLY A 116 21.17 9.05 33.90
C GLY A 116 20.97 7.92 32.89
N SER A 117 21.79 6.88 33.03
CA SER A 117 21.60 5.70 32.21
C SER A 117 20.28 5.02 32.53
N GLN A 118 19.89 4.98 33.82
CA GLN A 118 18.67 4.27 34.18
C GLN A 118 17.45 4.85 33.49
N TYR A 119 17.40 6.18 33.38
CA TYR A 119 16.29 6.80 32.65
C TYR A 119 16.35 6.48 31.16
N LEU A 120 17.48 6.81 30.51
CA LEU A 120 17.62 6.67 29.07
C LEU A 120 17.26 5.26 28.61
N LEU A 121 17.86 4.24 29.22
CA LEU A 121 17.53 2.87 28.81
C LEU A 121 16.06 2.56 29.07
N ASN A 122 15.53 3.01 30.21
CA ASN A 122 14.12 2.75 30.51
C ASN A 122 13.20 3.46 29.54
N TRP A 123 13.57 4.66 29.10
CA TRP A 123 12.79 5.33 28.08
C TRP A 123 12.76 4.55 26.78
N CYS A 124 13.88 3.97 26.38
CA CYS A 124 13.86 3.12 25.21
C CYS A 124 12.86 1.98 25.39
N VAL A 125 12.93 1.28 26.54
CA VAL A 125 12.04 0.15 26.77
C VAL A 125 10.60 0.62 26.63
N GLN A 126 10.29 1.73 27.30
CA GLN A 126 8.94 2.26 27.28
C GLN A 126 8.48 2.62 25.87
N ILE A 127 9.35 3.27 25.08
CA ILE A 127 8.99 3.61 23.70
C ILE A 127 8.81 2.34 22.89
N ALA A 128 9.65 1.34 23.13
CA ALA A 128 9.50 0.10 22.37
C ALA A 128 8.22 -0.60 22.77
N LYS A 129 7.86 -0.54 24.07
CA LYS A 129 6.61 -1.14 24.53
C LYS A 129 5.42 -0.45 23.88
N GLY A 130 5.45 0.88 23.82
CA GLY A 130 4.44 1.59 23.08
C GLY A 130 4.38 1.14 21.65
N MET A 131 5.51 1.23 20.95
CA MET A 131 5.53 0.89 19.53
C MET A 131 5.11 -0.57 19.30
N ASN A 132 5.53 -1.47 20.19
CA ASN A 132 5.17 -2.89 20.01
C ASN A 132 3.67 -3.10 20.14
N TYR A 133 3.01 -2.33 21.02
CA TYR A 133 1.56 -2.40 21.11
C TYR A 133 0.90 -2.00 19.81
N LEU A 134 1.38 -0.93 19.19
CA LEU A 134 0.75 -0.48 17.95
C LEU A 134 0.88 -1.56 16.88
N GLU A 135 1.93 -2.38 16.91
CA GLU A 135 2.07 -3.42 15.91
C GLU A 135 1.07 -4.54 16.17
N ASP A 136 1.00 -4.99 17.43
CA ASP A 136 -0.03 -5.94 17.83
C ASP A 136 -1.41 -5.52 17.39
N ARG A 137 -1.65 -4.22 17.26
CA ARG A 137 -2.93 -3.74 16.80
C ARG A 137 -2.97 -3.53 15.28
N ARG A 138 -1.86 -3.84 14.58
CA ARG A 138 -1.70 -3.67 13.12
C ARG A 138 -1.70 -2.20 12.70
N LEU A 139 -1.06 -1.34 13.48
CA LEU A 139 -1.09 0.10 13.26
C LEU A 139 0.31 0.66 13.09
N VAL A 140 0.47 1.54 12.12
CA VAL A 140 1.75 2.13 11.73
C VAL A 140 1.78 3.57 12.18
N HIS A 141 2.83 3.95 12.91
CA HIS A 141 2.84 5.31 13.43
C HIS A 141 3.00 6.32 12.30
N ARG A 142 4.05 6.14 11.49
CA ARG A 142 4.42 6.96 10.33
C ARG A 142 5.21 8.19 10.74
N ASP A 143 5.20 8.56 12.02
CA ASP A 143 5.89 9.80 12.41
C ASP A 143 6.48 9.70 13.82
N LEU A 144 7.17 8.61 14.10
CA LEU A 144 7.86 8.49 15.38
C LEU A 144 9.09 9.38 15.39
N ALA A 145 9.26 10.11 16.49
CA ALA A 145 10.42 10.96 16.74
C ALA A 145 10.43 11.26 18.23
N ALA A 146 11.54 11.80 18.71
CA ALA A 146 11.62 12.23 20.10
C ALA A 146 10.63 13.36 20.39
N ARG A 147 10.30 14.16 19.37
CA ARG A 147 9.26 15.16 19.51
C ARG A 147 7.86 14.57 19.56
N ASN A 148 7.68 13.29 19.28
CA ASN A 148 6.35 12.70 19.37
C ASN A 148 6.27 11.70 20.52
N VAL A 149 7.09 11.91 21.53
CA VAL A 149 7.06 11.16 22.77
C VAL A 149 6.83 12.16 23.88
N LEU A 150 5.77 11.97 24.64
CA LEU A 150 5.46 12.94 25.66
C LEU A 150 5.94 12.41 27.01
N VAL A 151 6.19 13.33 27.94
CA VAL A 151 6.68 13.00 29.28
C VAL A 151 5.51 13.22 30.24
N LYS A 152 4.87 12.13 30.71
CA LYS A 152 3.81 12.22 31.71
C LYS A 152 4.40 12.54 33.07
N THR A 153 5.26 11.66 33.55
CA THR A 153 6.25 11.98 34.56
C THR A 153 7.60 11.68 33.94
N PRO A 154 8.69 12.22 34.49
CA PRO A 154 10.00 11.78 34.03
C PRO A 154 10.19 10.27 34.07
N GLN A 155 9.37 9.51 34.81
CA GLN A 155 9.53 8.06 34.88
C GLN A 155 8.62 7.31 33.91
N HIS A 156 7.84 8.01 33.11
CA HIS A 156 6.74 7.39 32.36
C HIS A 156 6.59 8.22 31.10
N VAL A 157 6.93 7.63 29.94
CA VAL A 157 6.81 8.33 28.67
C VAL A 157 5.73 7.66 27.85
N LYS A 158 5.07 8.44 27.00
CA LYS A 158 4.01 7.92 26.15
C LYS A 158 4.23 8.46 24.75
N ILE A 159 4.05 7.60 23.74
CA ILE A 159 4.08 8.02 22.33
C ILE A 159 2.83 8.81 22.00
N THR A 160 2.98 9.84 21.17
CA THR A 160 1.83 10.63 20.74
C THR A 160 1.79 10.73 19.22
N ASP A 161 0.68 11.31 18.74
CA ASP A 161 0.47 11.67 17.34
C ASP A 161 0.34 10.46 16.42
N PHE A 162 -0.17 9.38 16.95
CA PHE A 162 -0.40 8.21 16.12
C PHE A 162 -1.53 8.46 15.13
N GLY A 163 -1.37 7.97 13.90
CA GLY A 163 -2.44 8.04 12.91
C GLY A 163 -2.79 9.43 12.44
N LEU A 164 -2.18 10.46 13.03
CA LEU A 164 -2.18 11.77 12.40
C LEU A 164 -1.65 11.66 10.99
N ALA A 165 -0.36 11.28 10.84
CA ALA A 165 0.35 11.37 9.56
C ALA A 165 -0.47 10.84 8.40
N LYS A 166 -1.11 9.67 8.57
CA LYS A 166 -1.80 9.06 7.44
C LYS A 166 -3.01 9.87 7.03
N LEU A 167 -3.71 10.44 8.02
CA LEU A 167 -4.99 11.13 7.70
C LEU A 167 -4.74 12.54 7.15
N LEU A 168 -3.52 13.05 7.20
CA LEU A 168 -3.29 14.38 6.60
C LEU A 168 -2.53 14.33 5.25
N VAL A 182 7.41 16.99 5.72
CA VAL A 182 7.60 15.53 5.67
C VAL A 182 8.94 15.15 6.31
N PRO A 183 8.91 14.32 7.35
CA PRO A 183 10.10 14.11 8.22
C PRO A 183 11.14 13.15 7.66
N ILE A 184 11.91 13.64 6.67
CA ILE A 184 12.81 12.78 5.92
C ILE A 184 13.84 12.14 6.83
N LYS A 185 14.35 12.90 7.81
CA LYS A 185 15.50 12.43 8.56
C LYS A 185 15.15 11.41 9.61
N TRP A 186 13.86 11.07 9.76
CA TRP A 186 13.39 10.01 10.64
C TRP A 186 12.69 8.88 9.89
N MET A 187 12.73 8.88 8.55
CA MET A 187 12.08 7.87 7.73
C MET A 187 13.05 6.87 7.13
N ALA A 188 12.55 5.64 6.97
CA ALA A 188 13.38 4.62 6.37
C ALA A 188 13.49 4.86 4.87
N LEU A 189 14.57 4.34 4.30
CA LEU A 189 14.83 4.56 2.88
C LEU A 189 13.66 4.11 2.02
N GLU A 190 13.10 2.93 2.31
CA GLU A 190 11.94 2.49 1.54
C GLU A 190 10.76 3.44 1.70
N SER A 191 10.75 4.29 2.72
CA SER A 191 9.65 5.23 2.86
C SER A 191 9.92 6.56 2.18
N ILE A 192 11.18 7.00 2.15
CA ILE A 192 11.53 8.20 1.40
C ILE A 192 11.38 7.96 -0.10
N LEU A 193 11.89 6.83 -0.58
CA LEU A 193 11.89 6.60 -2.03
C LEU A 193 10.52 6.19 -2.54
N HIS A 194 9.90 5.19 -1.91
CA HIS A 194 8.69 4.60 -2.46
C HIS A 194 7.44 4.90 -1.65
N ARG A 195 7.53 5.68 -0.57
CA ARG A 195 6.40 5.93 0.33
C ARG A 195 5.80 4.65 0.91
N ILE A 196 6.66 3.68 1.23
CA ILE A 196 6.26 2.45 1.90
C ILE A 196 6.37 2.66 3.40
N TYR A 197 5.26 2.43 4.10
CA TYR A 197 5.18 2.63 5.55
C TYR A 197 4.66 1.34 6.18
N THR A 198 5.54 0.65 6.89
CA THR A 198 5.24 -0.60 7.55
C THR A 198 5.65 -0.50 9.00
N HIS A 199 5.45 -1.59 9.74
CA HIS A 199 5.98 -1.62 11.10
C HIS A 199 7.50 -1.66 11.09
N GLN A 200 8.12 -2.13 10.00
CA GLN A 200 9.57 -2.14 9.98
C GLN A 200 10.15 -0.77 9.67
N SER A 201 9.42 0.05 8.90
CA SER A 201 9.83 1.44 8.74
C SER A 201 9.73 2.20 10.07
N ASP A 202 8.66 1.96 10.87
CA ASP A 202 8.61 2.56 12.20
C ASP A 202 9.86 2.23 13.00
N VAL A 203 10.42 1.02 12.82
CA VAL A 203 11.61 0.64 13.57
C VAL A 203 12.78 1.56 13.24
N TRP A 204 12.93 1.92 11.97
CA TRP A 204 13.95 2.89 11.59
C TRP A 204 13.79 4.16 12.43
N SER A 205 12.62 4.79 12.31
CA SER A 205 12.34 5.99 13.06
C SER A 205 12.62 5.79 14.53
N TYR A 206 12.24 4.62 15.05
CA TYR A 206 12.54 4.32 16.45
C TYR A 206 14.01 4.44 16.72
N GLY A 207 14.85 3.92 15.80
CA GLY A 207 16.27 3.99 15.98
C GLY A 207 16.77 5.41 15.98
N VAL A 208 16.24 6.23 15.08
CA VAL A 208 16.61 7.63 15.13
C VAL A 208 16.21 8.25 16.48
N THR A 209 14.99 7.95 16.98
CA THR A 209 14.58 8.47 18.28
C THR A 209 15.57 8.11 19.37
N VAL A 210 16.01 6.84 19.40
CA VAL A 210 17.05 6.44 20.35
C VAL A 210 18.31 7.29 20.18
N TRP A 211 18.66 7.65 18.94
CA TRP A 211 19.83 8.51 18.72
C TRP A 211 19.60 9.92 19.28
N GLU A 212 18.43 10.48 19.05
CA GLU A 212 18.12 11.77 19.69
C GLU A 212 18.29 11.67 21.19
N LEU A 213 17.84 10.56 21.79
CA LEU A 213 17.84 10.45 23.24
C LEU A 213 19.26 10.32 23.78
N MET A 214 20.10 9.52 23.11
CA MET A 214 21.45 9.27 23.58
C MET A 214 22.41 10.42 23.28
N THR A 215 22.06 11.30 22.34
CA THR A 215 22.82 12.52 22.14
C THR A 215 22.29 13.67 22.98
N PHE A 216 21.29 13.43 23.84
CA PHE A 216 20.61 14.49 24.58
C PHE A 216 19.98 15.51 23.65
N GLY A 217 19.45 15.05 22.52
CA GLY A 217 18.60 15.89 21.70
C GLY A 217 19.21 16.51 20.47
N SER A 218 20.32 15.98 19.97
CA SER A 218 20.96 16.53 18.77
C SER A 218 20.06 16.38 17.56
N LYS A 219 20.20 17.31 16.61
CA LYS A 219 19.43 17.20 15.37
C LYS A 219 20.08 16.15 14.49
N PRO A 220 19.31 15.15 14.01
CA PRO A 220 19.86 14.18 13.05
C PRO A 220 20.33 14.85 11.77
N TYR A 221 21.47 14.39 11.27
CA TYR A 221 22.10 14.88 10.05
C TYR A 221 22.08 16.40 9.99
N ASP A 222 22.68 17.01 11.01
CA ASP A 222 22.58 18.48 11.16
C ASP A 222 23.21 19.19 9.97
N GLY A 223 22.46 20.11 9.38
CA GLY A 223 22.93 20.90 8.27
C GLY A 223 22.69 20.29 6.89
N ILE A 224 22.71 18.95 6.80
CA ILE A 224 22.50 18.30 5.50
C ILE A 224 21.07 18.57 5.04
N PRO A 225 20.87 19.06 3.82
CA PRO A 225 19.51 19.25 3.29
C PRO A 225 18.74 17.94 3.22
N ALA A 226 17.47 18.01 3.62
CA ALA A 226 16.57 16.86 3.52
C ALA A 226 16.54 16.25 2.11
N SER A 227 16.71 17.08 1.09
CA SER A 227 16.73 16.59 -0.28
C SER A 227 17.81 15.51 -0.49
N GLU A 228 18.90 15.55 0.29
CA GLU A 228 20.09 14.73 0.04
C GLU A 228 20.20 13.56 1.00
N ILE A 229 19.22 13.35 1.86
CA ILE A 229 19.34 12.29 2.85
C ILE A 229 19.26 10.93 2.18
N SER A 230 18.40 10.81 1.17
CA SER A 230 18.20 9.49 0.58
C SER A 230 19.47 8.99 -0.10
N SER A 231 20.26 9.90 -0.69
CA SER A 231 21.51 9.48 -1.35
C SER A 231 22.56 9.03 -0.34
N ILE A 232 22.77 9.83 0.72
CA ILE A 232 23.76 9.46 1.73
C ILE A 232 23.38 8.15 2.40
N LEU A 233 22.09 7.83 2.47
CA LEU A 233 21.73 6.54 3.03
C LEU A 233 22.18 5.42 2.10
N GLU A 234 22.00 5.60 0.80
CA GLU A 234 22.33 4.53 -0.14
C GLU A 234 23.83 4.29 -0.22
N LYS A 235 24.64 5.33 -0.06
CA LYS A 235 26.09 5.11 -0.01
C LYS A 235 26.56 4.72 1.39
N GLY A 236 25.60 4.59 2.33
CA GLY A 236 25.83 4.02 3.65
C GLY A 236 26.22 4.99 4.75
N GLU A 237 26.00 6.29 4.60
CA GLU A 237 26.07 7.16 5.76
C GLU A 237 24.98 6.72 6.73
N ARG A 238 25.30 6.74 8.02
CA ARG A 238 24.30 6.54 9.06
C ARG A 238 24.67 7.51 10.16
N LEU A 239 23.76 7.68 11.11
CA LEU A 239 24.03 8.61 12.18
C LEU A 239 25.22 8.11 12.99
N PRO A 240 26.03 9.00 13.53
CA PRO A 240 27.25 8.54 14.20
C PRO A 240 26.93 7.99 15.58
N GLN A 241 27.78 7.08 16.01
CA GLN A 241 27.70 6.56 17.36
C GLN A 241 27.82 7.70 18.37
N PRO A 242 26.79 7.95 19.20
CA PRO A 242 26.89 9.01 20.18
C PRO A 242 27.94 8.67 21.23
N PRO A 243 28.68 9.66 21.72
CA PRO A 243 29.68 9.45 22.78
C PRO A 243 29.34 8.42 23.85
N ILE A 244 28.26 8.64 24.60
CA ILE A 244 27.94 7.79 25.74
C ILE A 244 27.57 6.34 25.40
N CYS A 245 27.45 6.01 24.11
CA CYS A 245 26.97 4.69 23.69
C CYS A 245 28.12 3.70 23.53
N THR A 246 27.93 2.51 24.08
CA THR A 246 28.78 1.39 23.76
C THR A 246 28.29 0.76 22.47
N ILE A 247 29.12 -0.12 21.88
CA ILE A 247 28.78 -0.68 20.57
C ILE A 247 27.54 -1.56 20.67
N ASP A 248 27.29 -2.19 21.83
CA ASP A 248 26.06 -2.96 21.95
C ASP A 248 24.86 -2.09 21.59
N VAL A 249 24.75 -0.91 22.22
CA VAL A 249 23.64 -0.02 21.91
C VAL A 249 23.76 0.48 20.46
N TYR A 250 24.96 0.91 20.05
CA TYR A 250 25.16 1.40 18.68
C TYR A 250 24.87 0.32 17.64
N MET A 251 25.24 -0.94 17.93
CA MET A 251 24.88 -2.04 17.03
C MET A 251 23.38 -2.10 16.82
N ILE A 252 22.62 -2.04 17.93
CA ILE A 252 21.16 -2.05 17.88
C ILE A 252 20.63 -0.88 17.05
N MET A 253 21.11 0.32 17.34
CA MET A 253 20.82 1.44 16.46
C MET A 253 21.14 1.10 15.00
N ARG A 254 22.39 0.68 14.72
CA ARG A 254 22.81 0.31 13.36
C ARG A 254 21.86 -0.70 12.72
N LYS A 255 21.39 -1.70 13.47
CA LYS A 255 20.47 -2.70 12.92
C LYS A 255 19.10 -2.12 12.56
N CYS A 256 18.64 -1.06 13.26
CA CYS A 256 17.37 -0.43 12.89
C CYS A 256 17.42 0.19 11.49
N TRP A 257 18.60 0.65 11.04
CA TRP A 257 18.74 1.32 9.76
C TRP A 257 19.32 0.41 8.67
N MET A 258 19.09 -0.90 8.75
CA MET A 258 19.44 -1.79 7.66
C MET A 258 18.54 -1.54 6.46
N ILE A 259 19.11 -1.69 5.27
CA ILE A 259 18.36 -1.42 4.05
C ILE A 259 17.21 -2.40 3.90
N ASP A 260 17.45 -3.66 4.23
CA ASP A 260 16.44 -4.71 4.16
C ASP A 260 15.58 -4.65 5.43
N ALA A 261 14.31 -4.30 5.24
CA ALA A 261 13.44 -4.01 6.37
C ALA A 261 13.22 -5.22 7.29
N ASP A 262 13.24 -6.43 6.74
CA ASP A 262 13.04 -7.59 7.59
C ASP A 262 14.33 -8.08 8.22
N SER A 263 15.44 -7.38 7.99
CA SER A 263 16.63 -7.56 8.80
C SER A 263 16.63 -6.68 10.03
N ARG A 264 15.76 -5.69 10.07
CA ARG A 264 15.69 -4.79 11.21
C ARG A 264 15.08 -5.52 12.39
N PRO A 265 15.52 -5.21 13.61
CA PRO A 265 14.92 -5.84 14.78
C PRO A 265 13.42 -5.62 14.79
N LYS A 266 12.71 -6.52 15.46
CA LYS A 266 11.31 -6.29 15.76
C LYS A 266 11.18 -5.54 17.07
N PHE A 267 10.14 -4.71 17.16
CA PHE A 267 9.91 -3.97 18.40
C PHE A 267 9.95 -4.89 19.61
N ARG A 268 9.38 -6.10 19.51
CA ARG A 268 9.36 -7.03 20.65
C ARG A 268 10.76 -7.45 21.05
N GLU A 269 11.65 -7.69 20.08
CA GLU A 269 13.05 -7.95 20.40
C GLU A 269 13.68 -6.74 21.06
N LEU A 270 13.29 -5.53 20.64
CA LEU A 270 13.89 -4.32 21.19
C LEU A 270 13.53 -4.15 22.66
N ILE A 271 12.29 -4.50 23.05
CA ILE A 271 11.93 -4.44 24.46
C ILE A 271 12.85 -5.31 25.29
N ILE A 272 13.06 -6.57 24.86
CA ILE A 272 13.82 -7.48 25.69
C ILE A 272 15.24 -6.99 25.86
N GLU A 273 15.84 -6.47 24.79
CA GLU A 273 17.24 -6.10 24.84
C GLU A 273 17.50 -4.88 25.72
N PHE A 274 16.73 -3.81 25.53
CA PHE A 274 16.93 -2.63 26.36
C PHE A 274 16.58 -2.92 27.81
N SER A 275 15.58 -3.80 28.01
CA SER A 275 15.29 -4.33 29.34
C SER A 275 16.51 -5.01 29.93
N LYS A 276 17.12 -5.95 29.18
CA LYS A 276 18.39 -6.54 29.61
C LYS A 276 19.41 -5.47 30.00
N MET A 277 19.50 -4.40 29.21
CA MET A 277 20.53 -3.41 29.44
C MET A 277 20.16 -2.45 30.58
N ALA A 278 18.87 -2.18 30.75
CA ALA A 278 18.41 -1.39 31.88
C ALA A 278 18.59 -2.12 33.22
N ARG A 279 18.92 -3.41 33.20
CA ARG A 279 19.24 -4.15 34.41
C ARG A 279 20.70 -3.99 34.85
N ASP A 280 21.58 -3.46 34.00
CA ASP A 280 22.96 -3.11 34.38
C ASP A 280 23.33 -1.85 33.60
N PRO A 281 22.83 -0.69 34.02
CA PRO A 281 22.85 0.48 33.11
C PRO A 281 24.23 1.00 32.78
N GLN A 282 25.15 1.07 33.73
CA GLN A 282 26.42 1.71 33.44
C GLN A 282 27.32 0.86 32.54
N ARG A 283 27.08 -0.45 32.46
CA ARG A 283 27.89 -1.25 31.54
C ARG A 283 27.57 -0.96 30.08
N TYR A 284 26.47 -0.28 29.79
CA TYR A 284 26.07 -0.04 28.42
C TYR A 284 26.05 1.43 28.03
N LEU A 285 26.01 2.34 29.00
CA LEU A 285 26.05 3.77 28.76
C LEU A 285 27.03 4.40 29.72
N VAL A 286 27.86 5.29 29.20
CA VAL A 286 28.97 5.84 29.97
C VAL A 286 28.72 7.32 30.15
N ILE A 287 28.00 7.65 31.21
CA ILE A 287 27.68 9.02 31.59
C ILE A 287 28.56 9.42 32.76
N GLN A 288 29.09 10.65 32.73
CA GLN A 288 29.83 11.17 33.87
C GLN A 288 28.90 11.37 35.06
N GLY A 289 29.37 10.97 36.24
CA GLY A 289 28.57 11.06 37.44
C GLY A 289 27.30 10.27 37.39
N ASP A 290 27.25 9.24 36.53
CA ASP A 290 26.08 8.39 36.41
C ASP A 290 25.68 7.76 37.74
N GLU A 291 26.64 7.59 38.65
CA GLU A 291 26.38 6.96 39.94
C GLU A 291 25.45 7.79 40.80
N ARG A 292 25.36 9.11 40.57
CA ARG A 292 24.53 10.00 41.37
C ARG A 292 23.19 10.33 40.74
N MET A 293 22.95 9.96 39.49
CA MET A 293 21.68 10.25 38.83
C MET A 293 20.93 8.94 38.58
N HIS A 294 20.39 8.43 39.70
CA HIS A 294 19.56 7.25 39.94
C HIS A 294 18.08 7.58 39.72
N LEU A 295 17.26 6.53 39.74
CA LEU A 295 15.81 6.68 39.63
C LEU A 295 15.25 7.19 40.97
N PRO A 296 13.98 7.61 41.01
CA PRO A 296 13.38 8.00 42.29
C PRO A 296 13.17 6.82 43.20
N SER A 297 13.34 7.07 44.48
CA SER A 297 12.97 6.07 45.47
C SER A 297 11.50 5.71 45.28
N PRO A 298 11.08 4.56 45.79
CA PRO A 298 9.66 4.22 45.80
C PRO A 298 8.81 5.33 46.40
N THR A 299 9.26 5.91 47.51
CA THR A 299 8.51 7.00 48.11
C THR A 299 8.26 8.09 47.09
N ASP A 300 9.31 8.57 46.42
CA ASP A 300 9.11 9.60 45.39
C ASP A 300 8.25 9.08 44.24
N SER A 301 8.46 7.82 43.87
CA SER A 301 7.69 7.24 42.79
C SER A 301 6.21 7.14 43.13
N ASN A 302 5.89 6.76 44.35
CA ASN A 302 4.46 6.61 44.73
C ASN A 302 3.81 7.99 44.80
N PHE A 303 4.49 8.99 45.36
CA PHE A 303 3.94 10.34 45.45
C PHE A 303 3.69 10.90 44.05
N TYR A 304 4.65 10.72 43.14
CA TYR A 304 4.48 11.12 41.75
C TYR A 304 3.19 10.51 41.17
N ARG A 305 3.01 9.22 41.38
CA ARG A 305 1.87 8.52 40.75
C ARG A 305 0.56 8.95 41.40
N ALA A 306 0.59 9.19 42.70
CA ALA A 306 -0.68 9.51 43.35
C ALA A 306 -1.23 10.86 42.88
N LEU A 307 -0.34 11.79 42.50
CA LEU A 307 -0.80 13.10 42.04
C LEU A 307 -0.89 13.23 40.53
N MET A 308 -0.06 12.50 39.78
CA MET A 308 0.12 12.77 38.36
C MET A 308 -0.09 11.59 37.44
N ASP A 309 -0.13 10.35 37.96
CA ASP A 309 -0.04 9.18 37.09
C ASP A 309 -0.57 7.96 37.82
N GLU A 310 -1.89 7.87 37.89
CA GLU A 310 -2.56 6.75 38.52
C GLU A 310 -2.86 5.63 37.54
N GLU A 311 -2.23 5.66 36.38
CA GLU A 311 -2.52 4.72 35.33
C GLU A 311 -2.19 3.31 35.78
N ASP A 312 -2.97 2.34 35.27
CA ASP A 312 -2.94 0.97 35.78
C ASP A 312 -1.54 0.38 35.77
N MET A 313 -0.74 0.58 34.67
CA MET A 313 0.65 0.12 34.71
C MET A 313 1.54 1.26 34.15
N ASP A 314 1.74 2.22 35.05
CA ASP A 314 2.56 3.37 34.70
C ASP A 314 3.95 2.86 34.34
N ALA B 8 16.25 -16.82 -23.30
CA ALA B 8 16.36 -16.56 -24.74
C ALA B 8 15.12 -15.87 -25.25
N LEU B 9 14.07 -15.89 -24.43
CA LEU B 9 12.81 -15.29 -24.80
C LEU B 9 12.72 -13.82 -24.38
N LEU B 10 13.74 -13.30 -23.70
CA LEU B 10 13.71 -11.92 -23.23
C LEU B 10 14.98 -11.20 -23.64
N ARG B 11 14.83 -10.18 -24.49
CA ARG B 11 15.98 -9.42 -24.96
C ARG B 11 16.34 -8.31 -23.98
N ILE B 12 17.59 -8.32 -23.52
CA ILE B 12 18.14 -7.19 -22.79
C ILE B 12 18.57 -6.16 -23.82
N LEU B 13 17.75 -5.14 -24.04
CA LEU B 13 18.13 -4.03 -24.89
C LEU B 13 19.15 -3.15 -24.19
N LYS B 14 19.91 -2.39 -24.99
CA LYS B 14 20.62 -1.25 -24.43
C LYS B 14 19.90 0.01 -24.80
N GLU B 15 20.15 1.04 -24.00
CA GLU B 15 19.36 2.25 -24.18
C GLU B 15 19.56 2.83 -25.57
N THR B 16 20.72 2.58 -26.18
CA THR B 16 21.06 3.24 -27.41
C THR B 16 20.34 2.67 -28.63
N GLU B 17 19.73 1.50 -28.52
CA GLU B 17 19.19 0.84 -29.70
C GLU B 17 17.70 1.06 -29.88
N PHE B 18 17.08 1.88 -29.03
CA PHE B 18 15.67 2.22 -29.16
C PHE B 18 15.44 3.61 -28.57
N LYS B 19 14.56 4.38 -29.21
CA LYS B 19 14.18 5.69 -28.68
C LYS B 19 12.65 5.81 -28.62
N LYS B 20 12.17 6.44 -27.55
CA LYS B 20 10.75 6.72 -27.38
C LYS B 20 10.34 7.87 -28.29
N ILE B 21 9.26 7.67 -29.04
CA ILE B 21 8.83 8.59 -30.07
C ILE B 21 7.63 9.42 -29.63
N LYS B 22 6.68 8.82 -28.92
CA LYS B 22 5.61 9.65 -28.40
C LYS B 22 4.81 8.85 -27.40
N VAL B 23 4.23 9.56 -26.43
CA VAL B 23 3.48 8.87 -25.39
C VAL B 23 2.18 8.35 -25.98
N LEU B 24 1.76 7.18 -25.53
CA LEU B 24 0.47 6.65 -25.90
C LEU B 24 -0.52 6.62 -24.74
N GLY B 25 -0.08 6.85 -23.51
CA GLY B 25 -0.95 6.69 -22.37
C GLY B 25 -0.15 6.28 -21.15
N SER B 26 -0.88 5.90 -20.11
CA SER B 26 -0.27 5.64 -18.81
C SER B 26 -1.02 4.57 -18.00
N GLY B 27 -1.01 4.71 -16.69
CA GLY B 27 -1.38 3.63 -15.80
C GLY B 27 -0.69 3.86 -14.47
N ALA B 28 -1.07 3.03 -13.50
CA ALA B 28 -0.42 3.12 -12.20
C ALA B 28 0.99 2.53 -12.20
N PHE B 29 1.32 1.64 -13.14
CA PHE B 29 2.68 1.11 -13.17
C PHE B 29 3.66 2.06 -13.86
N GLY B 30 3.20 2.79 -14.87
CA GLY B 30 4.05 3.78 -15.50
C GLY B 30 3.41 4.22 -16.81
N THR B 31 4.20 4.93 -17.61
CA THR B 31 3.71 5.52 -18.83
C THR B 31 4.15 4.73 -20.07
N VAL B 32 3.29 4.74 -21.07
CA VAL B 32 3.43 3.95 -22.28
C VAL B 32 3.76 4.90 -23.43
N TYR B 33 4.76 4.53 -24.25
CA TYR B 33 5.12 5.31 -25.41
C TYR B 33 5.14 4.44 -26.65
N LYS B 34 4.83 5.05 -27.78
CA LYS B 34 5.20 4.43 -29.04
C LYS B 34 6.70 4.65 -29.25
N GLY B 35 7.46 3.57 -29.42
CA GLY B 35 8.88 3.63 -29.56
C GLY B 35 9.35 3.08 -30.90
N LEU B 36 10.66 3.22 -31.14
CA LEU B 36 11.29 2.77 -32.39
C LEU B 36 12.53 1.95 -32.05
N TRP B 37 12.57 0.72 -32.57
CA TRP B 37 13.73 -0.14 -32.36
C TRP B 37 14.65 -0.01 -33.57
N ILE B 38 15.90 0.39 -33.32
CA ILE B 38 16.87 0.44 -34.41
C ILE B 38 17.82 -0.73 -34.28
N PRO B 39 17.66 -1.79 -35.07
CA PRO B 39 18.59 -2.92 -34.98
C PRO B 39 20.00 -2.45 -35.31
N GLU B 40 20.96 -2.95 -34.54
CA GLU B 40 22.33 -2.50 -34.69
C GLU B 40 22.82 -2.84 -36.09
N GLY B 41 23.34 -1.84 -36.79
CA GLY B 41 23.92 -2.11 -38.09
C GLY B 41 22.93 -2.10 -39.24
N GLU B 42 21.73 -1.61 -39.02
CA GLU B 42 20.72 -1.51 -40.05
C GLU B 42 20.31 -0.04 -40.17
N LYS B 43 19.40 0.25 -41.09
CA LYS B 43 18.93 1.63 -41.25
C LYS B 43 17.42 1.77 -41.18
N VAL B 44 16.72 0.84 -40.51
CA VAL B 44 15.25 0.86 -40.48
C VAL B 44 14.75 1.02 -39.04
N LYS B 45 13.50 1.51 -38.94
CA LYS B 45 12.87 1.91 -37.69
C LYS B 45 11.71 0.96 -37.46
N ILE B 46 11.83 0.07 -36.47
CA ILE B 46 10.77 -0.89 -36.16
C ILE B 46 9.94 -0.30 -35.01
N PRO B 47 8.68 0.04 -35.24
CA PRO B 47 7.86 0.56 -34.15
C PRO B 47 7.68 -0.49 -33.06
N VAL B 48 7.82 -0.06 -31.80
CA VAL B 48 7.58 -0.91 -30.65
C VAL B 48 6.68 -0.13 -29.70
N ALA B 49 6.25 -0.81 -28.66
CA ALA B 49 5.53 -0.23 -27.55
C ALA B 49 6.44 -0.32 -26.34
N ILE B 50 6.59 0.77 -25.61
CA ILE B 50 7.46 0.81 -24.45
C ILE B 50 6.67 1.25 -23.22
N LYS B 51 6.80 0.49 -22.13
CA LYS B 51 6.24 0.81 -20.83
C LYS B 51 7.40 1.07 -19.85
N GLU B 52 7.65 2.34 -19.56
CA GLU B 52 8.65 2.75 -18.58
C GLU B 52 8.03 2.89 -17.19
N LEU B 53 8.78 2.50 -16.16
CA LEU B 53 8.28 2.58 -14.79
C LEU B 53 8.69 3.88 -14.13
N ARG B 54 7.69 4.58 -13.58
CA ARG B 54 7.87 5.91 -13.03
C ARG B 54 8.86 5.89 -11.86
N GLU B 55 8.65 5.01 -10.88
CA GLU B 55 9.56 4.92 -9.75
C GLU B 55 10.85 4.24 -10.19
N ALA B 56 11.94 5.04 -10.29
CA ALA B 56 13.25 4.50 -10.59
C ALA B 56 13.64 3.47 -9.55
N THR B 57 14.22 2.38 -10.02
CA THR B 57 14.51 1.26 -9.14
C THR B 57 16.00 0.99 -9.15
N SER B 58 16.45 0.35 -8.08
CA SER B 58 17.85 0.08 -7.78
C SER B 58 18.25 -1.30 -8.27
N PRO B 59 19.55 -1.59 -8.35
CA PRO B 59 19.99 -2.95 -8.70
C PRO B 59 19.43 -4.07 -7.79
N LYS B 60 19.52 -3.93 -6.48
CA LYS B 60 18.85 -4.90 -5.62
C LYS B 60 17.36 -4.97 -5.96
N ALA B 61 16.72 -3.81 -6.18
CA ALA B 61 15.31 -3.79 -6.54
C ALA B 61 15.07 -4.51 -7.87
N ASN B 62 15.84 -4.18 -8.92
CA ASN B 62 15.56 -4.65 -10.28
C ASN B 62 16.24 -5.97 -10.64
N LYS B 63 16.62 -6.79 -9.67
CA LYS B 63 16.93 -8.20 -9.96
C LYS B 63 15.69 -9.08 -9.95
N GLU B 64 14.87 -8.98 -8.90
CA GLU B 64 13.52 -9.55 -8.90
C GLU B 64 12.80 -9.25 -10.21
N ILE B 65 12.86 -7.99 -10.62
CA ILE B 65 12.19 -7.49 -11.81
C ILE B 65 12.46 -8.42 -12.99
N LEU B 66 13.74 -8.70 -13.23
CA LEU B 66 14.13 -9.62 -14.29
C LEU B 66 13.51 -11.01 -14.08
N ASP B 67 13.58 -11.52 -12.84
CA ASP B 67 13.02 -12.84 -12.55
C ASP B 67 11.55 -12.91 -12.95
N GLU B 68 10.80 -11.84 -12.72
CA GLU B 68 9.46 -11.77 -13.27
C GLU B 68 9.48 -11.42 -14.75
N ALA B 69 10.41 -10.58 -15.20
CA ALA B 69 10.48 -10.25 -16.61
C ALA B 69 10.70 -11.49 -17.46
N TYR B 70 11.59 -12.38 -17.01
CA TYR B 70 11.72 -13.66 -17.69
C TYR B 70 10.40 -14.40 -17.68
N VAL B 71 9.71 -14.38 -16.53
CA VAL B 71 8.47 -15.14 -16.44
C VAL B 71 7.52 -14.70 -17.53
N MET B 72 7.33 -13.41 -17.66
CA MET B 72 6.26 -12.95 -18.51
C MET B 72 6.65 -12.88 -19.97
N ALA B 73 7.95 -13.00 -20.25
CA ALA B 73 8.40 -13.20 -21.62
C ALA B 73 8.08 -14.60 -22.11
N SER B 74 7.64 -15.47 -21.22
CA SER B 74 7.44 -16.87 -21.53
C SER B 74 5.98 -17.24 -21.76
N VAL B 75 5.10 -16.28 -21.98
CA VAL B 75 3.71 -16.60 -22.33
C VAL B 75 3.60 -16.81 -23.84
N ASP B 76 3.10 -17.97 -24.23
CA ASP B 76 2.91 -18.30 -25.62
C ASP B 76 1.44 -18.65 -25.86
N ASN B 77 0.64 -17.62 -26.13
CA ASN B 77 -0.80 -17.79 -26.37
C ASN B 77 -1.32 -16.60 -27.16
N PRO B 78 -2.13 -16.83 -28.19
CA PRO B 78 -2.50 -15.71 -29.08
C PRO B 78 -3.41 -14.67 -28.43
N HIS B 79 -3.85 -14.85 -27.19
CA HIS B 79 -4.65 -13.85 -26.52
C HIS B 79 -3.99 -13.34 -25.25
N VAL B 80 -2.68 -13.50 -25.16
CA VAL B 80 -1.91 -12.98 -24.04
C VAL B 80 -0.65 -12.29 -24.58
N CYS B 81 -0.48 -11.02 -24.22
CA CYS B 81 0.65 -10.24 -24.66
C CYS B 81 1.92 -10.73 -23.97
N ARG B 82 2.99 -10.93 -24.72
CA ARG B 82 4.26 -11.29 -24.11
C ARG B 82 5.23 -10.12 -24.11
N LEU B 83 5.91 -9.97 -22.99
CA LEU B 83 7.05 -9.09 -22.86
C LEU B 83 8.15 -9.55 -23.80
N LEU B 84 8.69 -8.64 -24.59
CA LEU B 84 9.68 -9.01 -25.59
C LEU B 84 11.09 -8.58 -25.22
N GLY B 85 11.26 -7.43 -24.58
CA GLY B 85 12.58 -7.00 -24.16
C GLY B 85 12.51 -6.14 -22.91
N ILE B 86 13.66 -5.97 -22.28
CA ILE B 86 13.75 -5.11 -21.10
C ILE B 86 15.05 -4.29 -21.19
N CYS B 87 15.01 -3.11 -20.56
CA CYS B 87 16.11 -2.16 -20.49
C CYS B 87 16.15 -1.54 -19.11
N LEU B 88 17.28 -1.69 -18.40
CA LEU B 88 17.36 -1.33 -16.99
C LEU B 88 18.32 -0.17 -16.82
N THR B 89 17.82 1.03 -17.04
CA THR B 89 18.55 2.26 -16.74
C THR B 89 17.73 3.01 -15.70
N SER B 90 18.12 2.87 -14.44
CA SER B 90 17.31 3.37 -13.32
C SER B 90 15.86 2.95 -13.51
N THR B 91 15.05 3.82 -14.10
CA THR B 91 13.70 3.45 -14.53
C THR B 91 13.75 2.33 -15.58
N VAL B 92 13.20 1.16 -15.23
CA VAL B 92 13.28 0.03 -16.11
C VAL B 92 12.35 0.33 -17.28
N GLN B 93 12.62 -0.25 -18.44
CA GLN B 93 11.80 -0.07 -19.63
C GLN B 93 11.41 -1.43 -20.18
N LEU B 94 10.13 -1.59 -20.52
CA LEU B 94 9.61 -2.86 -21.03
C LEU B 94 9.17 -2.65 -22.47
N ILE B 95 9.47 -3.64 -23.30
CA ILE B 95 9.24 -3.53 -24.74
C ILE B 95 8.27 -4.64 -25.13
N MET B 96 7.34 -4.32 -26.02
CA MET B 96 6.47 -5.34 -26.61
C MET B 96 6.00 -4.87 -27.98
N GLN B 97 5.22 -5.73 -28.62
CA GLN B 97 4.66 -5.37 -29.91
C GLN B 97 3.65 -4.24 -29.74
N LEU B 98 3.70 -3.30 -30.69
CA LEU B 98 2.76 -2.18 -30.71
C LEU B 98 1.39 -2.67 -31.19
N MET B 99 0.40 -2.57 -30.33
CA MET B 99 -0.96 -2.82 -30.77
C MET B 99 -1.52 -1.52 -31.30
N PRO B 100 -1.64 -1.33 -32.62
CA PRO B 100 -2.03 -0.01 -33.13
C PRO B 100 -3.46 0.37 -32.84
N PHE B 101 -4.28 -0.56 -32.36
CA PHE B 101 -5.68 -0.30 -32.13
C PHE B 101 -5.99 0.07 -30.66
N GLY B 102 -4.98 0.29 -29.84
CA GLY B 102 -5.25 0.73 -28.49
C GLY B 102 -5.93 -0.34 -27.64
N CYS B 103 -6.45 0.11 -26.49
CA CYS B 103 -7.09 -0.84 -25.58
C CYS B 103 -8.57 -1.02 -25.93
N LEU B 104 -9.13 -2.12 -25.43
CA LEU B 104 -10.49 -2.53 -25.78
C LEU B 104 -11.51 -1.56 -25.20
N LEU B 105 -11.26 -1.05 -23.99
CA LEU B 105 -12.17 -0.09 -23.39
C LEU B 105 -12.38 1.09 -24.33
N ASP B 106 -11.31 1.81 -24.63
CA ASP B 106 -11.45 2.92 -25.56
C ASP B 106 -12.01 2.47 -26.89
N TYR B 107 -11.74 1.23 -27.30
CA TYR B 107 -12.32 0.76 -28.55
C TYR B 107 -13.85 0.69 -28.48
N VAL B 108 -14.40 0.06 -27.43
CA VAL B 108 -15.86 -0.09 -27.40
C VAL B 108 -16.51 1.27 -27.26
N ARG B 109 -15.92 2.14 -26.45
CA ARG B 109 -16.42 3.50 -26.29
C ARG B 109 -16.40 4.28 -27.60
N GLU B 110 -15.29 4.19 -28.36
CA GLU B 110 -15.16 4.90 -29.63
C GLU B 110 -16.13 4.40 -30.68
N HIS B 111 -16.45 3.10 -30.66
CA HIS B 111 -17.41 2.54 -31.60
C HIS B 111 -18.80 2.45 -31.03
N LYS B 112 -19.03 3.17 -29.91
CA LYS B 112 -20.31 3.27 -29.21
C LYS B 112 -21.17 2.05 -29.42
N ASP B 113 -22.34 2.22 -30.03
CA ASP B 113 -23.21 1.06 -30.29
C ASP B 113 -22.86 0.32 -31.58
N ASN B 114 -21.96 0.85 -32.42
CA ASN B 114 -21.70 0.25 -33.74
C ASN B 114 -20.88 -1.02 -33.64
N ILE B 115 -21.22 -1.87 -32.66
CA ILE B 115 -20.52 -3.11 -32.40
C ILE B 115 -21.54 -4.24 -32.36
N GLY B 116 -21.45 -5.16 -33.32
CA GLY B 116 -22.39 -6.25 -33.38
C GLY B 116 -22.19 -7.26 -32.27
N SER B 117 -23.21 -8.10 -32.07
CA SER B 117 -23.16 -9.10 -31.01
C SER B 117 -21.98 -10.03 -31.17
N GLN B 118 -21.57 -10.31 -32.41
CA GLN B 118 -20.56 -11.34 -32.59
C GLN B 118 -19.14 -10.85 -32.33
N TYR B 119 -18.93 -9.53 -32.33
CA TYR B 119 -17.65 -9.02 -31.83
C TYR B 119 -17.57 -9.16 -30.32
N LEU B 120 -18.67 -8.83 -29.62
CA LEU B 120 -18.63 -8.82 -28.16
C LEU B 120 -18.49 -10.23 -27.60
N LEU B 121 -19.28 -11.17 -28.11
CA LEU B 121 -19.16 -12.54 -27.65
C LEU B 121 -17.78 -13.11 -27.98
N ASN B 122 -17.23 -12.77 -29.14
CA ASN B 122 -15.97 -13.39 -29.48
C ASN B 122 -14.82 -12.77 -28.70
N TRP B 123 -14.90 -11.48 -28.40
CA TRP B 123 -13.94 -10.90 -27.46
C TRP B 123 -14.03 -11.58 -26.11
N CYS B 124 -15.24 -11.88 -25.65
CA CYS B 124 -15.37 -12.60 -24.39
C CYS B 124 -14.65 -13.93 -24.49
N VAL B 125 -14.84 -14.63 -25.59
CA VAL B 125 -14.21 -15.92 -25.73
C VAL B 125 -12.70 -15.77 -25.64
N GLN B 126 -12.16 -14.79 -26.37
CA GLN B 126 -10.71 -14.66 -26.45
C GLN B 126 -10.12 -14.23 -25.11
N ILE B 127 -10.82 -13.36 -24.37
CA ILE B 127 -10.35 -13.05 -23.02
C ILE B 127 -10.37 -14.30 -22.16
N ALA B 128 -11.36 -15.16 -22.40
CA ALA B 128 -11.47 -16.38 -21.61
C ALA B 128 -10.35 -17.33 -21.97
N LYS B 129 -10.05 -17.46 -23.26
CA LYS B 129 -8.91 -18.26 -23.69
C LYS B 129 -7.62 -17.76 -23.05
N GLY B 130 -7.35 -16.46 -23.15
CA GLY B 130 -6.16 -15.94 -22.49
C GLY B 130 -6.10 -16.30 -21.02
N MET B 131 -7.17 -16.06 -20.28
CA MET B 131 -7.10 -16.24 -18.84
C MET B 131 -6.93 -17.72 -18.52
N ASN B 132 -7.61 -18.57 -19.28
CA ASN B 132 -7.41 -20.01 -19.15
C ASN B 132 -5.94 -20.37 -19.29
N TYR B 133 -5.25 -19.72 -20.23
CA TYR B 133 -3.83 -20.00 -20.39
C TYR B 133 -3.06 -19.52 -19.16
N LEU B 134 -3.26 -18.28 -18.75
CA LEU B 134 -2.54 -17.81 -17.56
C LEU B 134 -2.78 -18.74 -16.37
N GLU B 135 -3.93 -19.44 -16.33
CA GLU B 135 -4.20 -20.36 -15.22
C GLU B 135 -3.45 -21.67 -15.39
N ASP B 136 -3.34 -22.18 -16.61
CA ASP B 136 -2.61 -23.43 -16.80
C ASP B 136 -1.13 -23.26 -16.53
N ARG B 137 -0.63 -22.04 -16.60
CA ARG B 137 0.74 -21.72 -16.23
C ARG B 137 0.86 -21.26 -14.79
N ARG B 138 -0.19 -21.44 -14.00
CA ARG B 138 -0.20 -21.05 -12.58
C ARG B 138 0.13 -19.57 -12.40
N LEU B 139 -0.55 -18.72 -13.17
CA LEU B 139 -0.34 -17.28 -13.10
C LEU B 139 -1.68 -16.62 -12.78
N VAL B 140 -1.66 -15.63 -11.89
CA VAL B 140 -2.83 -14.84 -11.59
C VAL B 140 -2.59 -13.45 -12.15
N HIS B 141 -3.56 -12.93 -12.89
CA HIS B 141 -3.46 -11.59 -13.42
C HIS B 141 -3.42 -10.53 -12.32
N ARG B 142 -4.53 -10.45 -11.56
CA ARG B 142 -4.78 -9.56 -10.44
C ARG B 142 -5.37 -8.22 -10.89
N ASP B 143 -5.21 -7.86 -12.16
CA ASP B 143 -5.72 -6.56 -12.63
C ASP B 143 -6.38 -6.70 -13.99
N LEU B 144 -7.30 -7.64 -14.13
CA LEU B 144 -8.00 -7.82 -15.38
C LEU B 144 -9.13 -6.79 -15.45
N ALA B 145 -8.98 -5.85 -16.38
CA ALA B 145 -10.04 -4.94 -16.76
C ALA B 145 -9.96 -4.73 -18.25
N ALA B 146 -11.02 -4.12 -18.81
CA ALA B 146 -10.99 -3.75 -20.22
C ALA B 146 -9.84 -2.82 -20.55
N ARG B 147 -9.33 -2.11 -19.54
CA ARG B 147 -8.18 -1.26 -19.75
CA ARG B 147 -8.18 -1.27 -19.74
C ARG B 147 -6.91 -2.07 -19.97
N ASN B 148 -6.84 -3.33 -19.49
CA ASN B 148 -5.64 -4.20 -19.64
C ASN B 148 -5.85 -5.28 -20.69
N VAL B 149 -6.75 -5.01 -21.65
CA VAL B 149 -6.96 -5.85 -22.83
C VAL B 149 -6.69 -4.96 -24.03
N LEU B 150 -5.80 -5.40 -24.92
CA LEU B 150 -5.42 -4.62 -26.08
C LEU B 150 -6.01 -5.24 -27.33
N VAL B 151 -6.14 -4.42 -28.37
CA VAL B 151 -6.72 -4.81 -29.64
C VAL B 151 -5.60 -4.88 -30.68
N LYS B 152 -5.30 -6.09 -31.15
CA LYS B 152 -4.37 -6.28 -32.27
C LYS B 152 -5.09 -5.97 -33.58
N THR B 153 -6.03 -6.80 -33.96
CA THR B 153 -7.05 -6.41 -34.91
C THR B 153 -8.39 -6.32 -34.18
N PRO B 154 -9.38 -5.57 -34.73
CA PRO B 154 -10.73 -5.62 -34.16
C PRO B 154 -11.31 -7.02 -33.99
N GLN B 155 -10.67 -8.04 -34.57
CA GLN B 155 -11.11 -9.43 -34.44
C GLN B 155 -10.16 -10.27 -33.60
N HIS B 156 -9.29 -9.64 -32.82
CA HIS B 156 -8.24 -10.38 -32.12
C HIS B 156 -7.79 -9.51 -30.95
N VAL B 157 -8.03 -9.96 -29.72
CA VAL B 157 -7.67 -9.19 -28.53
C VAL B 157 -6.69 -10.02 -27.72
N LYS B 158 -5.80 -9.33 -27.02
CA LYS B 158 -4.78 -9.95 -26.18
C LYS B 158 -4.78 -9.26 -24.82
N ILE B 159 -4.61 -10.06 -23.75
CA ILE B 159 -4.55 -9.53 -22.38
C ILE B 159 -3.15 -9.01 -22.12
N THR B 160 -3.01 -7.98 -21.29
CA THR B 160 -1.69 -7.46 -20.92
C THR B 160 -1.62 -7.17 -19.43
N ASP B 161 -0.40 -6.91 -18.97
CA ASP B 161 -0.11 -6.42 -17.62
C ASP B 161 -0.42 -7.42 -16.52
N PHE B 162 -0.47 -8.72 -16.81
CA PHE B 162 -0.41 -9.72 -15.73
C PHE B 162 1.01 -9.72 -15.17
N GLY B 163 1.15 -9.80 -13.86
CA GLY B 163 2.53 -9.88 -13.41
C GLY B 163 3.06 -8.49 -13.15
N LEU B 164 2.62 -7.96 -12.06
CA LEU B 164 2.98 -6.61 -11.69
C LEU B 164 2.79 -6.51 -10.20
N ALA B 165 1.52 -6.57 -9.78
CA ALA B 165 1.20 -6.54 -8.37
C ALA B 165 1.88 -7.70 -7.65
N LYS B 166 2.54 -7.38 -6.54
CA LYS B 166 3.26 -8.33 -5.68
C LYS B 166 2.76 -9.77 -5.73
N VAL B 182 -5.61 1.49 -6.89
CA VAL B 182 -6.19 0.22 -6.53
C VAL B 182 -7.58 0.05 -7.14
N PRO B 183 -7.77 -1.00 -7.95
CA PRO B 183 -9.00 -1.14 -8.75
C PRO B 183 -10.14 -1.78 -7.94
N ILE B 184 -10.62 -1.05 -6.93
CA ILE B 184 -11.56 -1.60 -5.97
C ILE B 184 -12.83 -2.07 -6.67
N LYS B 185 -13.26 -1.31 -7.67
CA LYS B 185 -14.52 -1.65 -8.30
C LYS B 185 -14.42 -2.83 -9.23
N TRP B 186 -13.21 -3.39 -9.39
CA TRP B 186 -12.98 -4.62 -10.15
C TRP B 186 -12.64 -5.81 -9.25
N MET B 187 -12.17 -5.57 -8.04
CA MET B 187 -11.69 -6.62 -7.18
C MET B 187 -12.83 -7.44 -6.58
N ALA B 188 -12.67 -8.76 -6.62
CA ALA B 188 -13.55 -9.61 -5.86
C ALA B 188 -13.52 -9.18 -4.38
N LEU B 189 -14.58 -9.54 -3.66
CA LEU B 189 -14.69 -9.12 -2.26
C LEU B 189 -13.55 -9.66 -1.41
N GLU B 190 -13.21 -10.94 -1.59
CA GLU B 190 -12.10 -11.52 -0.83
C GLU B 190 -10.77 -10.85 -1.14
N SER B 191 -10.68 -10.16 -2.28
CA SER B 191 -9.52 -9.33 -2.59
C SER B 191 -9.62 -7.96 -1.94
N ILE B 192 -10.83 -7.44 -1.78
CA ILE B 192 -11.00 -6.19 -1.05
C ILE B 192 -10.80 -6.40 0.43
N LEU B 193 -11.50 -7.38 1.02
CA LEU B 193 -11.44 -7.47 2.47
C LEU B 193 -10.12 -8.06 2.95
N HIS B 194 -9.44 -8.83 2.11
CA HIS B 194 -8.28 -9.60 2.58
C HIS B 194 -7.09 -9.64 1.65
N ARG B 195 -7.11 -8.94 0.51
CA ARG B 195 -6.02 -9.02 -0.47
C ARG B 195 -5.67 -10.47 -0.80
N ILE B 196 -6.70 -11.30 -0.92
CA ILE B 196 -6.59 -12.63 -1.48
C ILE B 196 -6.75 -12.52 -2.99
N TYR B 197 -5.69 -12.87 -3.73
CA TYR B 197 -5.74 -12.86 -5.20
C TYR B 197 -5.48 -14.27 -5.72
N THR B 198 -6.48 -14.85 -6.38
CA THR B 198 -6.41 -16.21 -6.87
C THR B 198 -7.02 -16.27 -8.26
N HIS B 199 -6.81 -17.40 -8.92
CA HIS B 199 -7.51 -17.64 -10.18
C HIS B 199 -9.02 -17.52 -10.04
N GLN B 200 -9.56 -17.54 -8.82
CA GLN B 200 -10.99 -17.29 -8.66
C GLN B 200 -11.30 -15.80 -8.53
N SER B 201 -10.54 -15.03 -7.74
CA SER B 201 -10.74 -13.59 -7.79
C SER B 201 -10.64 -13.10 -9.23
N ASP B 202 -9.73 -13.70 -10.03
CA ASP B 202 -9.60 -13.39 -11.44
C ASP B 202 -10.94 -13.46 -12.18
N VAL B 203 -11.74 -14.49 -11.92
CA VAL B 203 -13.00 -14.59 -12.67
C VAL B 203 -14.00 -13.53 -12.19
N TRP B 204 -13.85 -13.02 -10.97
CA TRP B 204 -14.61 -11.83 -10.65
C TRP B 204 -14.25 -10.72 -11.63
N SER B 205 -13.00 -10.27 -11.58
CA SER B 205 -12.52 -9.25 -12.51
C SER B 205 -12.77 -9.60 -13.96
N TYR B 206 -12.84 -10.89 -14.30
CA TYR B 206 -13.40 -11.21 -15.59
C TYR B 206 -14.82 -10.69 -15.69
N GLY B 207 -15.67 -11.01 -14.71
CA GLY B 207 -17.07 -10.67 -14.83
C GLY B 207 -17.31 -9.18 -14.99
N VAL B 208 -16.51 -8.37 -14.31
CA VAL B 208 -16.65 -6.93 -14.49
C VAL B 208 -16.29 -6.55 -15.93
N THR B 209 -15.19 -7.12 -16.45
CA THR B 209 -14.74 -6.79 -17.80
C THR B 209 -15.81 -7.09 -18.83
N VAL B 210 -16.41 -8.28 -18.74
CA VAL B 210 -17.52 -8.59 -19.63
C VAL B 210 -18.57 -7.49 -19.57
N TRP B 211 -18.79 -6.92 -18.37
CA TRP B 211 -19.82 -5.89 -18.22
C TRP B 211 -19.43 -4.61 -18.96
N GLU B 212 -18.18 -4.17 -18.79
CA GLU B 212 -17.68 -3.04 -19.55
C GLU B 212 -17.92 -3.23 -21.03
N LEU B 213 -17.68 -4.44 -21.55
CA LEU B 213 -17.89 -4.69 -22.98
C LEU B 213 -19.35 -4.62 -23.35
N MET B 214 -20.23 -5.15 -22.48
CA MET B 214 -21.68 -5.15 -22.70
C MET B 214 -22.26 -3.75 -22.61
N THR B 215 -21.83 -2.98 -21.64
CA THR B 215 -22.29 -1.61 -21.56
C THR B 215 -21.55 -0.69 -22.49
N PHE B 216 -20.76 -1.26 -23.42
CA PHE B 216 -19.96 -0.49 -24.38
C PHE B 216 -19.06 0.52 -23.68
N GLY B 217 -18.59 0.19 -22.50
CA GLY B 217 -17.59 0.98 -21.83
C GLY B 217 -18.03 1.82 -20.66
N SER B 218 -19.20 1.56 -20.09
CA SER B 218 -19.67 2.32 -18.93
C SER B 218 -18.71 2.17 -17.75
N LYS B 219 -18.78 3.12 -16.81
CA LYS B 219 -17.95 2.84 -15.64
C LYS B 219 -18.77 2.10 -14.57
N PRO B 220 -18.18 1.11 -13.92
CA PRO B 220 -18.94 0.27 -12.98
C PRO B 220 -19.18 0.98 -11.67
N TYR B 221 -20.39 0.82 -11.13
CA TYR B 221 -20.82 1.54 -9.92
C TYR B 221 -20.44 3.02 -10.01
N ASP B 222 -20.96 3.71 -11.04
CA ASP B 222 -20.58 5.11 -11.26
C ASP B 222 -21.07 5.98 -10.10
N GLY B 223 -20.20 6.90 -9.68
CA GLY B 223 -20.51 7.80 -8.59
C GLY B 223 -20.54 7.19 -7.20
N ILE B 224 -20.53 5.87 -7.09
CA ILE B 224 -20.39 5.27 -5.76
C ILE B 224 -18.93 5.40 -5.35
N PRO B 225 -18.64 5.99 -4.19
CA PRO B 225 -17.24 6.04 -3.74
C PRO B 225 -16.71 4.63 -3.55
N ALA B 226 -15.42 4.43 -3.88
CA ALA B 226 -14.82 3.09 -3.76
C ALA B 226 -15.02 2.53 -2.36
N SER B 227 -14.99 3.40 -1.35
CA SER B 227 -14.99 2.96 0.04
C SER B 227 -16.30 2.26 0.41
N GLU B 228 -17.38 2.57 -0.30
CA GLU B 228 -18.67 1.98 -0.04
C GLU B 228 -18.96 0.79 -0.95
N ILE B 229 -17.93 0.23 -1.59
CA ILE B 229 -18.18 -0.87 -2.51
C ILE B 229 -18.10 -2.24 -1.81
N SER B 230 -17.17 -2.43 -0.87
CA SER B 230 -17.14 -3.69 -0.12
C SER B 230 -18.42 -3.90 0.68
N SER B 231 -19.04 -2.82 1.12
CA SER B 231 -20.26 -2.90 1.92
C SER B 231 -21.47 -3.27 1.06
N ILE B 232 -21.62 -2.60 -0.09
CA ILE B 232 -22.76 -2.92 -0.96
C ILE B 232 -22.65 -4.33 -1.54
N LEU B 233 -21.44 -4.90 -1.61
CA LEU B 233 -21.31 -6.26 -2.12
C LEU B 233 -21.73 -7.28 -1.06
N GLU B 234 -21.34 -7.06 0.20
CA GLU B 234 -21.84 -7.92 1.28
C GLU B 234 -23.36 -7.87 1.37
N LYS B 235 -23.93 -6.68 1.23
CA LYS B 235 -25.39 -6.55 1.27
C LYS B 235 -26.06 -7.22 0.09
N GLY B 236 -25.31 -7.50 -0.99
CA GLY B 236 -25.81 -8.28 -2.10
C GLY B 236 -26.13 -7.52 -3.39
N GLU B 237 -25.64 -6.29 -3.54
CA GLU B 237 -25.82 -5.59 -4.80
C GLU B 237 -24.70 -5.94 -5.77
N ARG B 238 -25.05 -6.00 -7.07
CA ARG B 238 -24.11 -6.22 -8.16
C ARG B 238 -24.43 -5.27 -9.30
N LEU B 239 -23.49 -5.16 -10.23
CA LEU B 239 -23.70 -4.30 -11.38
C LEU B 239 -25.02 -4.67 -12.06
N PRO B 240 -25.78 -3.69 -12.56
CA PRO B 240 -27.07 -3.99 -13.19
C PRO B 240 -26.88 -4.89 -14.40
N GLN B 241 -28.00 -5.41 -14.89
CA GLN B 241 -27.98 -6.12 -16.16
C GLN B 241 -27.81 -5.12 -17.29
N PRO B 242 -26.78 -5.23 -18.12
CA PRO B 242 -26.65 -4.29 -19.23
C PRO B 242 -27.82 -4.45 -20.18
N PRO B 243 -28.32 -3.34 -20.74
CA PRO B 243 -29.50 -3.44 -21.62
C PRO B 243 -29.42 -4.53 -22.68
N ILE B 244 -28.33 -4.59 -23.44
CA ILE B 244 -28.27 -5.48 -24.59
C ILE B 244 -28.16 -6.93 -24.17
N CYS B 245 -28.21 -7.19 -22.87
CA CYS B 245 -27.88 -8.49 -22.29
C CYS B 245 -29.12 -9.35 -22.06
N THR B 246 -29.23 -10.44 -22.81
CA THR B 246 -30.15 -11.52 -22.50
C THR B 246 -29.91 -12.01 -21.09
N ILE B 247 -30.95 -12.60 -20.50
CA ILE B 247 -30.87 -13.10 -19.13
C ILE B 247 -29.82 -14.20 -19.02
N ASP B 248 -29.68 -15.05 -20.05
CA ASP B 248 -28.60 -16.02 -20.10
C ASP B 248 -27.25 -15.38 -19.79
N VAL B 249 -26.87 -14.37 -20.58
CA VAL B 249 -25.64 -13.59 -20.40
C VAL B 249 -25.49 -13.13 -18.96
N TYR B 250 -26.41 -12.26 -18.53
CA TYR B 250 -26.36 -11.68 -17.20
C TYR B 250 -26.22 -12.76 -16.13
N MET B 251 -26.79 -13.94 -16.37
CA MET B 251 -26.57 -15.03 -15.44
C MET B 251 -25.08 -15.34 -15.32
N ILE B 252 -24.39 -15.45 -16.46
CA ILE B 252 -22.95 -15.68 -16.44
C ILE B 252 -22.24 -14.60 -15.61
N MET B 253 -22.59 -13.34 -15.84
CA MET B 253 -21.93 -12.28 -15.08
C MET B 253 -22.23 -12.40 -13.60
N ARG B 254 -23.46 -12.78 -13.24
CA ARG B 254 -23.85 -12.83 -11.83
C ARG B 254 -23.08 -13.91 -11.09
N LYS B 255 -22.84 -15.06 -11.73
CA LYS B 255 -22.10 -16.16 -11.11
C LYS B 255 -20.62 -15.83 -10.93
N CYS B 256 -20.04 -15.06 -11.86
CA CYS B 256 -18.66 -14.62 -11.64
C CYS B 256 -18.55 -13.78 -10.38
N TRP B 257 -19.63 -13.10 -9.99
CA TRP B 257 -19.63 -12.30 -8.76
C TRP B 257 -20.39 -12.98 -7.62
N MET B 258 -20.23 -14.30 -7.45
CA MET B 258 -20.67 -15.00 -6.25
C MET B 258 -19.69 -14.83 -5.10
N ILE B 259 -20.23 -14.82 -3.87
CA ILE B 259 -19.38 -14.65 -2.70
C ILE B 259 -18.50 -15.87 -2.49
N ASP B 260 -19.04 -17.05 -2.75
CA ASP B 260 -18.27 -18.27 -2.57
C ASP B 260 -17.33 -18.44 -3.75
N ALA B 261 -16.04 -18.26 -3.52
CA ALA B 261 -15.07 -18.22 -4.61
C ALA B 261 -15.05 -19.51 -5.42
N ASP B 262 -15.29 -20.66 -4.79
CA ASP B 262 -15.23 -21.93 -5.50
C ASP B 262 -16.53 -22.26 -6.21
N SER B 263 -17.49 -21.35 -6.21
CA SER B 263 -18.74 -21.52 -6.94
C SER B 263 -18.77 -20.69 -8.21
N ARG B 264 -17.81 -19.81 -8.40
CA ARG B 264 -17.75 -19.04 -9.63
C ARG B 264 -17.35 -19.97 -10.77
N PRO B 265 -17.80 -19.68 -11.97
CA PRO B 265 -17.39 -20.49 -13.12
C PRO B 265 -15.87 -20.47 -13.30
N LYS B 266 -15.37 -21.52 -13.93
CA LYS B 266 -13.97 -21.60 -14.29
C LYS B 266 -13.78 -21.13 -15.72
N PHE B 267 -12.59 -20.60 -16.00
CA PHE B 267 -12.34 -20.09 -17.35
C PHE B 267 -12.56 -21.16 -18.41
N ARG B 268 -12.32 -22.43 -18.08
CA ARG B 268 -12.68 -23.47 -19.04
C ARG B 268 -14.17 -23.45 -19.33
N GLU B 269 -15.01 -23.30 -18.30
CA GLU B 269 -16.45 -23.26 -18.52
C GLU B 269 -16.87 -22.03 -19.32
N LEU B 270 -16.30 -20.86 -18.99
CA LEU B 270 -16.72 -19.63 -19.69
C LEU B 270 -16.42 -19.71 -21.19
N ILE B 271 -15.26 -20.28 -21.56
CA ILE B 271 -14.95 -20.50 -22.97
C ILE B 271 -16.10 -21.22 -23.64
N ILE B 272 -16.47 -22.38 -23.08
CA ILE B 272 -17.54 -23.20 -23.63
C ILE B 272 -18.83 -22.40 -23.76
N GLU B 273 -19.23 -21.74 -22.68
CA GLU B 273 -20.51 -21.03 -22.65
C GLU B 273 -20.55 -19.92 -23.69
N PHE B 274 -19.56 -19.01 -23.66
CA PHE B 274 -19.49 -17.92 -24.63
C PHE B 274 -19.25 -18.43 -26.05
N SER B 275 -18.53 -19.53 -26.21
CA SER B 275 -18.35 -20.08 -27.56
C SER B 275 -19.66 -20.63 -28.09
N LYS B 276 -20.33 -21.48 -27.31
CA LYS B 276 -21.71 -21.84 -27.61
C LYS B 276 -22.52 -20.57 -27.85
N MET B 277 -22.36 -19.60 -26.95
CA MET B 277 -23.14 -18.38 -27.02
C MET B 277 -23.04 -17.71 -28.39
N ALA B 278 -21.83 -17.69 -28.97
CA ALA B 278 -21.53 -16.92 -30.18
C ALA B 278 -21.93 -17.63 -31.48
N ARG B 279 -22.29 -18.91 -31.43
CA ARG B 279 -22.81 -19.58 -32.61
C ARG B 279 -24.23 -19.16 -32.94
N ASP B 280 -24.90 -18.48 -32.01
CA ASP B 280 -26.20 -17.86 -32.28
C ASP B 280 -26.21 -16.52 -31.58
N PRO B 281 -25.36 -15.60 -32.05
CA PRO B 281 -25.14 -14.36 -31.26
C PRO B 281 -26.41 -13.55 -31.05
N GLN B 282 -27.16 -13.29 -32.15
CA GLN B 282 -28.40 -12.53 -32.08
C GLN B 282 -29.44 -13.20 -31.21
N ARG B 283 -29.15 -14.43 -30.77
CA ARG B 283 -30.03 -15.12 -29.86
C ARG B 283 -29.79 -14.75 -28.39
N TYR B 284 -28.61 -14.21 -28.04
CA TYR B 284 -28.30 -13.82 -26.67
C TYR B 284 -27.98 -12.35 -26.47
N LEU B 285 -27.94 -11.56 -27.54
CA LEU B 285 -27.49 -10.19 -27.40
C LEU B 285 -28.33 -9.31 -28.30
N VAL B 286 -28.90 -8.27 -27.70
CA VAL B 286 -29.94 -7.47 -28.32
C VAL B 286 -29.33 -6.11 -28.64
N ILE B 287 -28.96 -5.91 -29.90
CA ILE B 287 -28.34 -4.69 -30.35
C ILE B 287 -29.11 -4.19 -31.55
N GLN B 288 -29.44 -2.91 -31.55
CA GLN B 288 -30.14 -2.30 -32.68
C GLN B 288 -29.19 -2.28 -33.87
N GLY B 289 -29.66 -2.81 -34.99
CA GLY B 289 -28.82 -2.92 -36.19
C GLY B 289 -27.91 -4.13 -36.21
N ASP B 290 -28.08 -5.08 -35.30
CA ASP B 290 -27.20 -6.24 -35.19
C ASP B 290 -27.28 -7.15 -36.40
N GLU B 291 -28.28 -7.01 -37.27
CA GLU B 291 -28.23 -7.76 -38.53
C GLU B 291 -27.56 -6.96 -39.63
N ARG B 292 -27.31 -5.67 -39.38
CA ARG B 292 -26.50 -4.84 -40.27
C ARG B 292 -25.09 -4.61 -39.69
N MET B 293 -24.57 -5.66 -39.09
CA MET B 293 -23.25 -5.63 -38.51
C MET B 293 -22.81 -7.05 -38.24
N HIS B 294 -22.03 -7.61 -39.17
CA HIS B 294 -21.45 -8.94 -39.01
C HIS B 294 -19.95 -8.82 -38.85
N LEU B 295 -19.33 -9.97 -38.57
CA LEU B 295 -17.90 -10.14 -38.58
C LEU B 295 -17.36 -9.97 -40.00
N PRO B 296 -16.07 -9.67 -40.15
CA PRO B 296 -15.51 -9.56 -41.49
C PRO B 296 -15.61 -10.88 -42.21
N SER B 297 -15.75 -10.79 -43.54
CA SER B 297 -15.79 -11.97 -44.40
C SER B 297 -14.42 -12.65 -44.32
N PRO B 298 -14.33 -13.93 -44.71
CA PRO B 298 -13.00 -14.54 -44.84
C PRO B 298 -12.03 -13.74 -45.73
N THR B 299 -12.51 -13.22 -46.86
CA THR B 299 -11.75 -12.28 -47.68
C THR B 299 -11.17 -11.17 -46.80
N ASP B 300 -12.03 -10.53 -46.00
CA ASP B 300 -11.63 -9.43 -45.15
C ASP B 300 -10.72 -9.92 -44.03
N SER B 301 -11.04 -11.06 -43.44
CA SER B 301 -10.25 -11.53 -42.32
C SER B 301 -8.82 -11.83 -42.76
N ASN B 302 -8.68 -12.46 -43.93
CA ASN B 302 -7.37 -12.86 -44.44
C ASN B 302 -6.49 -11.66 -44.73
N PHE B 303 -7.06 -10.59 -45.28
CA PHE B 303 -6.29 -9.38 -45.57
C PHE B 303 -5.77 -8.75 -44.28
N TYR B 304 -6.63 -8.65 -43.27
CA TYR B 304 -6.23 -8.19 -41.92
C TYR B 304 -5.03 -8.97 -41.43
N ARG B 305 -5.15 -10.29 -41.41
CA ARG B 305 -4.11 -11.15 -40.84
C ARG B 305 -2.78 -11.00 -41.56
N ALA B 306 -2.81 -10.88 -42.89
CA ALA B 306 -1.55 -10.88 -43.64
C ALA B 306 -0.78 -9.57 -43.44
N LEU B 307 -1.47 -8.45 -43.24
CA LEU B 307 -0.74 -7.20 -43.04
C LEU B 307 -0.18 -7.09 -41.63
N MET B 308 -1.00 -7.33 -40.61
CA MET B 308 -0.62 -7.01 -39.24
C MET B 308 -0.76 -8.14 -38.23
N ASP B 309 -1.29 -9.33 -38.59
CA ASP B 309 -1.61 -10.38 -37.59
C ASP B 309 -1.34 -11.75 -38.21
N GLU B 310 -0.05 -12.07 -38.37
CA GLU B 310 0.34 -13.34 -38.96
C GLU B 310 0.36 -14.48 -37.94
N GLU B 311 0.02 -14.18 -36.70
CA GLU B 311 0.08 -15.10 -35.57
C GLU B 311 -0.57 -16.46 -35.85
N ASP B 312 -0.01 -17.48 -35.19
CA ASP B 312 -0.49 -18.86 -35.28
C ASP B 312 -1.98 -18.96 -34.96
N MET B 313 -2.40 -18.38 -33.85
CA MET B 313 -3.71 -18.68 -33.26
C MET B 313 -3.88 -20.22 -33.19
N ALA C 8 -19.36 -32.94 23.77
CA ALA C 8 -19.55 -31.67 24.48
C ALA C 8 -18.23 -31.09 25.01
N LEU C 9 -17.16 -31.32 24.26
CA LEU C 9 -15.83 -30.90 24.69
C LEU C 9 -15.42 -29.54 24.12
N LEU C 10 -16.23 -28.95 23.24
CA LEU C 10 -15.93 -27.69 22.59
C LEU C 10 -17.06 -26.72 22.87
N ARG C 11 -16.79 -25.72 23.69
CA ARG C 11 -17.77 -24.67 23.93
C ARG C 11 -17.68 -23.65 22.80
N ILE C 12 -18.78 -23.46 22.09
CA ILE C 12 -18.86 -22.37 21.15
C ILE C 12 -19.02 -21.10 21.95
N LEU C 13 -18.12 -20.13 21.75
CA LEU C 13 -18.13 -18.89 22.51
C LEU C 13 -18.49 -17.70 21.62
N LYS C 14 -19.15 -16.72 22.26
CA LYS C 14 -19.56 -15.46 21.66
C LYS C 14 -18.56 -14.36 21.97
N GLU C 15 -18.32 -13.49 20.99
CA GLU C 15 -17.31 -12.45 21.13
C GLU C 15 -17.52 -11.60 22.38
N THR C 16 -18.77 -11.40 22.79
CA THR C 16 -19.08 -10.49 23.89
C THR C 16 -18.72 -11.07 25.27
N GLU C 17 -18.20 -12.30 25.36
CA GLU C 17 -17.89 -12.92 26.64
C GLU C 17 -16.42 -13.24 26.83
N PHE C 18 -15.56 -12.89 25.88
CA PHE C 18 -14.13 -12.89 26.12
C PHE C 18 -13.52 -11.69 25.44
N LYS C 19 -12.34 -11.31 25.91
CA LYS C 19 -11.61 -10.19 25.34
C LYS C 19 -10.12 -10.49 25.37
N LYS C 20 -9.44 -10.14 24.29
CA LYS C 20 -7.99 -10.27 24.24
C LYS C 20 -7.35 -9.17 25.07
N ILE C 21 -6.22 -9.49 25.71
CA ILE C 21 -5.58 -8.55 26.62
C ILE C 21 -4.29 -8.06 25.98
N LYS C 22 -3.27 -8.91 25.99
CA LYS C 22 -1.98 -8.58 25.41
C LYS C 22 -1.56 -9.69 24.48
N VAL C 23 -0.77 -9.32 23.50
CA VAL C 23 -0.23 -10.31 22.57
C VAL C 23 0.95 -11.01 23.23
N LEU C 24 0.86 -12.33 23.34
CA LEU C 24 1.97 -13.09 23.90
C LEU C 24 3.00 -13.43 22.84
N GLY C 25 2.57 -13.59 21.60
CA GLY C 25 3.47 -14.03 20.56
C GLY C 25 2.72 -14.17 19.25
N SER C 26 3.52 -14.37 18.20
CA SER C 26 3.02 -14.60 16.85
C SER C 26 3.83 -15.72 16.24
N GLY C 27 3.26 -16.36 15.23
CA GLY C 27 3.83 -17.56 14.62
C GLY C 27 3.26 -17.87 13.26
N ALA C 28 3.64 -19.04 12.73
CA ALA C 28 3.27 -19.41 11.37
C ALA C 28 1.77 -19.67 11.21
N PHE C 29 1.03 -19.79 12.32
CA PHE C 29 -0.39 -20.13 12.27
C PHE C 29 -1.30 -19.02 12.80
N GLY C 30 -0.77 -18.07 13.55
CA GLY C 30 -1.60 -16.95 13.96
C GLY C 30 -0.95 -16.21 15.12
N THR C 31 -1.80 -15.60 15.93
CA THR C 31 -1.37 -14.76 17.03
C THR C 31 -1.93 -15.31 18.32
N VAL C 32 -1.11 -15.36 19.37
CA VAL C 32 -1.53 -15.84 20.67
C VAL C 32 -1.66 -14.66 21.62
N TYR C 33 -2.83 -14.53 22.25
CA TYR C 33 -3.08 -13.49 23.25
C TYR C 33 -3.38 -14.07 24.62
N LYS C 34 -2.85 -13.42 25.65
CA LYS C 34 -3.49 -13.49 26.96
C LYS C 34 -4.88 -12.87 26.85
N GLY C 35 -5.83 -13.41 27.60
CA GLY C 35 -7.17 -12.89 27.49
C GLY C 35 -8.01 -13.25 28.70
N LEU C 36 -9.19 -12.64 28.78
CA LEU C 36 -10.07 -12.77 29.93
C LEU C 36 -11.42 -13.33 29.50
N TRP C 37 -11.88 -14.36 30.21
CA TRP C 37 -13.21 -14.92 30.04
C TRP C 37 -14.10 -14.43 31.18
N ILE C 38 -15.23 -13.81 30.83
CA ILE C 38 -16.21 -13.39 31.82
C ILE C 38 -17.44 -14.28 31.65
N PRO C 39 -17.72 -15.18 32.59
CA PRO C 39 -18.93 -15.98 32.48
C PRO C 39 -20.19 -15.12 32.61
N GLU C 40 -21.21 -15.50 31.86
CA GLU C 40 -22.46 -14.75 31.86
C GLU C 40 -23.06 -14.76 33.26
N GLY C 41 -23.59 -13.60 33.66
CA GLY C 41 -24.10 -13.45 34.99
C GLY C 41 -23.07 -13.29 36.08
N GLU C 42 -21.78 -13.39 35.77
CA GLU C 42 -20.77 -13.28 36.80
C GLU C 42 -20.01 -11.97 36.66
N LYS C 43 -19.26 -11.64 37.71
CA LYS C 43 -18.38 -10.48 37.70
C LYS C 43 -16.90 -10.85 37.62
N VAL C 44 -16.56 -12.14 37.71
CA VAL C 44 -15.16 -12.57 37.74
C VAL C 44 -14.59 -12.57 36.33
N LYS C 45 -13.29 -12.32 36.25
CA LYS C 45 -12.55 -12.33 35.01
C LYS C 45 -11.55 -13.49 35.08
N ILE C 46 -11.62 -14.39 34.11
CA ILE C 46 -10.90 -15.65 34.12
C ILE C 46 -9.84 -15.67 33.03
N PRO C 47 -8.55 -15.74 33.40
CA PRO C 47 -7.46 -15.66 32.42
C PRO C 47 -7.48 -16.85 31.47
N VAL C 48 -7.59 -16.56 30.18
CA VAL C 48 -7.55 -17.57 29.14
C VAL C 48 -6.47 -17.19 28.14
N ALA C 49 -6.09 -18.15 27.32
CA ALA C 49 -5.24 -17.86 26.18
C ALA C 49 -6.07 -17.98 24.91
N ILE C 50 -5.78 -17.14 23.93
CA ILE C 50 -6.48 -17.16 22.66
C ILE C 50 -5.48 -17.27 21.51
N LYS C 51 -5.85 -18.03 20.46
CA LYS C 51 -5.04 -18.14 19.25
C LYS C 51 -5.93 -17.75 18.07
N GLU C 52 -5.74 -16.55 17.55
CA GLU C 52 -6.49 -16.06 16.38
C GLU C 52 -5.73 -16.42 15.11
N LEU C 53 -6.36 -17.23 14.26
CA LEU C 53 -5.67 -17.77 13.10
C LEU C 53 -5.54 -16.74 11.98
N ARG C 54 -4.42 -16.86 11.25
CA ARG C 54 -4.28 -16.32 9.90
C ARG C 54 -5.12 -17.17 8.95
N GLU C 55 -5.20 -16.76 7.68
CA GLU C 55 -6.06 -17.47 6.72
C GLU C 55 -5.46 -18.79 6.20
N ALA C 61 -14.29 -23.58 5.21
CA ALA C 61 -15.73 -23.47 5.07
C ALA C 61 -16.31 -23.34 6.46
N ASN C 62 -15.42 -23.18 7.43
CA ASN C 62 -15.75 -23.14 8.86
C ASN C 62 -16.27 -24.48 9.38
N LYS C 63 -17.08 -25.17 8.56
CA LYS C 63 -17.46 -26.54 8.93
C LYS C 63 -16.22 -27.40 9.11
N GLU C 64 -15.28 -27.34 8.14
CA GLU C 64 -14.07 -28.14 8.26
C GLU C 64 -13.21 -27.69 9.43
N ILE C 65 -13.25 -26.39 9.76
CA ILE C 65 -12.44 -25.91 10.87
C ILE C 65 -12.92 -26.55 12.15
N LEU C 66 -14.21 -26.51 12.42
CA LEU C 66 -14.58 -27.10 13.69
C LEU C 66 -14.83 -28.59 13.61
N ASP C 67 -14.92 -29.18 12.43
CA ASP C 67 -14.90 -30.65 12.42
C ASP C 67 -13.57 -31.16 12.93
N GLU C 68 -12.51 -30.38 12.73
CA GLU C 68 -11.23 -30.70 13.32
C GLU C 68 -11.09 -30.16 14.74
N ALA C 69 -11.67 -28.99 15.02
CA ALA C 69 -11.64 -28.46 16.39
C ALA C 69 -12.32 -29.40 17.37
N TYR C 70 -13.41 -30.04 16.97
CA TYR C 70 -13.98 -31.10 17.81
C TYR C 70 -12.94 -32.17 18.07
N VAL C 71 -12.20 -32.59 17.04
CA VAL C 71 -11.16 -33.58 17.25
C VAL C 71 -10.10 -33.05 18.20
N MET C 72 -9.68 -31.80 18.00
CA MET C 72 -8.72 -31.19 18.89
C MET C 72 -9.24 -31.12 20.32
N ALA C 73 -10.55 -30.90 20.48
CA ALA C 73 -11.15 -30.83 21.80
C ALA C 73 -11.24 -32.21 22.46
N SER C 74 -11.08 -33.29 21.69
CA SER C 74 -11.19 -34.65 22.21
C SER C 74 -9.91 -35.15 22.86
N VAL C 75 -8.78 -34.44 22.74
CA VAL C 75 -7.56 -34.94 23.33
C VAL C 75 -7.75 -34.95 24.84
N ASP C 76 -7.25 -36.00 25.50
CA ASP C 76 -7.46 -36.14 26.95
C ASP C 76 -6.24 -36.85 27.55
N ASN C 77 -5.20 -36.06 27.79
CA ASN C 77 -3.95 -36.57 28.30
C ASN C 77 -3.28 -35.43 29.06
N PRO C 78 -2.53 -35.76 30.11
CA PRO C 78 -1.85 -34.71 30.91
C PRO C 78 -0.72 -34.02 30.18
N HIS C 79 -0.28 -34.53 29.05
CA HIS C 79 0.86 -33.90 28.41
C HIS C 79 0.51 -33.36 27.04
N VAL C 80 -0.77 -33.26 26.71
CA VAL C 80 -1.15 -32.60 25.47
C VAL C 80 -2.22 -31.57 25.83
N CYS C 81 -1.95 -30.30 25.53
CA CYS C 81 -2.93 -29.26 25.71
C CYS C 81 -4.21 -29.58 24.93
N ARG C 82 -5.34 -29.19 25.49
CA ARG C 82 -6.64 -29.46 24.91
C ARG C 82 -7.32 -28.15 24.52
N LEU C 83 -7.97 -28.15 23.35
CA LEU C 83 -8.76 -27.00 22.92
C LEU C 83 -10.06 -26.92 23.71
N LEU C 84 -10.29 -25.79 24.35
CA LEU C 84 -11.44 -25.69 25.23
C LEU C 84 -12.67 -25.17 24.50
N GLY C 85 -12.51 -24.09 23.74
CA GLY C 85 -13.64 -23.52 23.05
C GLY C 85 -13.21 -22.79 21.80
N ILE C 86 -14.19 -22.43 20.99
CA ILE C 86 -13.91 -21.83 19.68
C ILE C 86 -14.92 -20.73 19.42
N CYS C 87 -14.44 -19.68 18.76
CA CYS C 87 -15.24 -18.56 18.27
C CYS C 87 -14.99 -18.39 16.79
N LEU C 88 -16.06 -18.37 16.00
CA LEU C 88 -15.91 -18.22 14.55
C LEU C 88 -16.53 -16.90 14.09
N THR C 89 -16.02 -15.78 14.61
CA THR C 89 -16.69 -14.48 14.45
C THR C 89 -16.44 -13.91 13.06
N SER C 90 -15.20 -13.49 12.80
CA SER C 90 -14.77 -13.13 11.45
C SER C 90 -13.49 -13.90 11.17
N THR C 91 -12.61 -13.92 12.17
CA THR C 91 -11.47 -14.79 12.26
C THR C 91 -11.82 -15.95 13.19
N VAL C 92 -11.09 -17.03 13.00
CA VAL C 92 -11.21 -18.21 13.85
C VAL C 92 -10.34 -17.98 15.06
N GLN C 93 -10.95 -17.91 16.24
CA GLN C 93 -10.23 -17.77 17.49
C GLN C 93 -10.33 -19.06 18.30
N LEU C 94 -9.22 -19.46 18.90
CA LEU C 94 -9.15 -20.70 19.64
C LEU C 94 -8.83 -20.35 21.08
N ILE C 95 -9.59 -20.92 22.01
CA ILE C 95 -9.47 -20.64 23.44
C ILE C 95 -8.93 -21.89 24.12
N MET C 96 -7.95 -21.71 25.00
CA MET C 96 -7.44 -22.79 25.85
C MET C 96 -6.89 -22.24 27.16
N GLN C 97 -6.36 -23.14 27.98
CA GLN C 97 -5.80 -22.73 29.26
C GLN C 97 -4.52 -21.94 29.06
N LEU C 98 -4.45 -20.78 29.71
CA LEU C 98 -3.25 -19.94 29.72
C LEU C 98 -2.12 -20.56 30.55
N MET C 99 -0.93 -20.69 29.98
CA MET C 99 0.18 -21.23 30.77
C MET C 99 1.20 -20.14 31.05
N PRO C 100 1.22 -19.57 32.27
CA PRO C 100 2.06 -18.40 32.55
C PRO C 100 3.54 -18.63 32.31
N PHE C 101 4.06 -19.84 32.46
CA PHE C 101 5.49 -20.05 32.26
C PHE C 101 5.90 -20.02 30.80
N GLY C 102 4.98 -20.13 29.86
CA GLY C 102 5.37 -20.06 28.47
C GLY C 102 5.91 -21.36 27.91
N CYS C 103 6.66 -21.25 26.81
CA CYS C 103 7.14 -22.43 26.11
C CYS C 103 8.44 -22.96 26.73
N LEU C 104 8.70 -24.25 26.49
CA LEU C 104 9.87 -24.90 27.09
C LEU C 104 11.17 -24.49 26.42
N LEU C 105 11.10 -23.89 25.21
CA LEU C 105 12.29 -23.33 24.58
C LEU C 105 12.79 -22.12 25.35
N ASP C 106 11.93 -21.11 25.52
CA ASP C 106 12.25 -19.92 26.31
C ASP C 106 12.69 -20.40 27.67
N TYR C 107 12.00 -21.41 28.20
CA TYR C 107 12.25 -21.80 29.58
C TYR C 107 13.67 -22.30 29.77
N VAL C 108 14.11 -23.29 28.98
CA VAL C 108 15.48 -23.78 29.13
C VAL C 108 16.49 -22.67 28.84
N ARG C 109 16.22 -21.84 27.82
CA ARG C 109 17.15 -20.79 27.46
C ARG C 109 17.30 -19.80 28.61
N GLU C 110 16.18 -19.42 29.21
CA GLU C 110 16.17 -18.46 30.33
C GLU C 110 16.82 -19.06 31.56
N HIS C 111 16.78 -20.37 31.70
CA HIS C 111 17.38 -21.05 32.83
C HIS C 111 18.73 -21.67 32.47
N LYS C 112 19.42 -21.00 31.53
CA LYS C 112 20.81 -21.23 31.12
C LYS C 112 21.18 -22.69 31.26
N ASP C 113 21.79 -23.00 32.38
CA ASP C 113 22.20 -24.32 32.79
C ASP C 113 21.79 -24.53 34.23
N ASN C 114 20.87 -23.70 34.74
CA ASN C 114 20.29 -23.89 36.06
C ASN C 114 19.53 -25.22 36.16
N ILE C 115 19.26 -25.82 35.02
CA ILE C 115 18.45 -27.02 34.87
C ILE C 115 19.34 -28.23 35.14
N GLY C 116 18.87 -29.17 35.97
CA GLY C 116 19.60 -30.40 36.22
C GLY C 116 19.04 -31.59 35.43
N SER C 117 19.82 -32.69 35.46
CA SER C 117 19.50 -33.83 34.61
C SER C 117 18.10 -34.37 34.87
N GLN C 118 17.61 -34.28 36.11
CA GLN C 118 16.32 -34.90 36.43
C GLN C 118 15.18 -34.21 35.70
N TYR C 119 15.23 -32.88 35.61
CA TYR C 119 14.21 -32.14 34.86
C TYR C 119 14.23 -32.54 33.38
N LEU C 120 15.42 -32.41 32.77
CA LEU C 120 15.62 -32.69 31.35
C LEU C 120 15.09 -34.07 30.98
N LEU C 121 15.50 -35.09 31.72
CA LEU C 121 15.03 -36.44 31.37
C LEU C 121 13.54 -36.58 31.62
N ASN C 122 13.04 -35.99 32.70
CA ASN C 122 11.59 -36.06 32.99
C ASN C 122 10.79 -35.33 31.90
N TRP C 123 11.31 -34.24 31.33
CA TRP C 123 10.57 -33.67 30.21
C TRP C 123 10.52 -34.62 29.03
N CYS C 124 11.58 -35.43 28.82
CA CYS C 124 11.55 -36.34 27.67
C CYS C 124 10.50 -37.41 27.86
N VAL C 125 10.43 -38.01 29.04
CA VAL C 125 9.30 -38.90 29.37
C VAL C 125 7.98 -38.22 29.04
N GLN C 126 7.76 -37.04 29.64
CA GLN C 126 6.46 -36.38 29.50
C GLN C 126 6.18 -36.03 28.04
N ILE C 127 7.18 -35.53 27.30
CA ILE C 127 6.89 -35.27 25.90
C ILE C 127 6.64 -36.56 25.17
N ALA C 128 7.26 -37.66 25.60
CA ALA C 128 6.97 -38.93 24.93
C ALA C 128 5.59 -39.44 25.27
N LYS C 129 5.16 -39.27 26.52
CA LYS C 129 3.83 -39.74 26.87
C LYS C 129 2.79 -39.00 26.05
N GLY C 130 2.96 -37.69 25.89
CA GLY C 130 2.04 -36.94 25.07
C GLY C 130 1.98 -37.45 23.64
N MET C 131 3.14 -37.67 23.03
CA MET C 131 3.12 -38.11 21.64
C MET C 131 2.63 -39.54 21.53
N ASN C 132 3.00 -40.40 22.49
CA ASN C 132 2.48 -41.75 22.51
C ASN C 132 0.96 -41.75 22.63
N TYR C 133 0.41 -40.79 23.39
CA TYR C 133 -1.04 -40.66 23.44
C TYR C 133 -1.61 -40.21 22.11
N LEU C 134 -0.99 -39.21 21.46
CA LEU C 134 -1.46 -38.83 20.14
C LEU C 134 -1.44 -40.01 19.18
N GLU C 135 -0.36 -40.80 19.20
CA GLU C 135 -0.28 -41.94 18.31
C GLU C 135 -1.41 -42.93 18.59
N ASP C 136 -1.69 -43.17 19.87
CA ASP C 136 -2.82 -44.05 20.23
C ASP C 136 -4.13 -43.55 19.65
N ARG C 137 -4.30 -42.24 19.51
CA ARG C 137 -5.49 -41.66 18.89
C ARG C 137 -5.28 -41.39 17.41
N ARG C 138 -4.13 -41.81 16.87
CA ARG C 138 -3.90 -41.78 15.44
C ARG C 138 -3.96 -40.34 14.88
N LEU C 139 -3.28 -39.43 15.57
CA LEU C 139 -3.18 -38.05 15.16
C LEU C 139 -1.73 -37.69 15.03
N VAL C 140 -1.30 -37.30 13.84
CA VAL C 140 0.07 -36.84 13.67
C VAL C 140 0.09 -35.35 14.03
N HIS C 141 1.05 -34.98 14.88
CA HIS C 141 1.21 -33.59 15.30
C HIS C 141 1.66 -32.69 14.14
N ARG C 142 2.67 -33.13 13.36
CA ARG C 142 3.29 -32.47 12.21
C ARG C 142 4.21 -31.29 12.58
N ASP C 143 4.22 -30.81 13.81
CA ASP C 143 4.97 -29.59 14.13
C ASP C 143 5.50 -29.68 15.56
N LEU C 144 5.91 -30.87 15.98
CA LEU C 144 6.52 -31.01 17.28
C LEU C 144 7.86 -30.28 17.31
N ALA C 145 8.04 -29.43 18.31
CA ALA C 145 9.27 -28.69 18.48
C ALA C 145 9.24 -28.10 19.90
N ALA C 146 10.42 -27.79 20.42
CA ALA C 146 10.43 -27.32 21.80
C ALA C 146 9.61 -26.05 21.97
N ARG C 147 9.51 -25.23 20.91
CA ARG C 147 8.68 -24.03 20.98
C ARG C 147 7.23 -24.39 21.23
N ASN C 148 6.85 -25.63 20.93
CA ASN C 148 5.48 -26.09 21.08
C ASN C 148 5.34 -27.07 22.22
N VAL C 149 6.28 -27.06 23.16
CA VAL C 149 6.04 -27.65 24.47
C VAL C 149 5.80 -26.50 25.44
N LEU C 150 4.62 -26.51 26.08
CA LEU C 150 4.30 -25.53 27.09
C LEU C 150 4.61 -26.06 28.48
N VAL C 151 5.01 -25.14 29.36
CA VAL C 151 5.33 -25.44 30.74
C VAL C 151 4.13 -25.05 31.58
N LYS C 152 3.40 -26.03 32.11
CA LYS C 152 2.36 -25.73 33.08
C LYS C 152 2.99 -25.37 34.42
N THR C 153 3.83 -26.25 34.93
CA THR C 153 4.75 -25.98 36.01
C THR C 153 6.09 -26.55 35.60
N PRO C 154 7.17 -26.10 36.22
CA PRO C 154 8.49 -26.64 35.90
C PRO C 154 8.53 -28.16 35.96
N GLN C 155 7.53 -28.78 36.54
CA GLN C 155 7.55 -30.25 36.69
C GLN C 155 6.49 -30.89 35.78
N HIS C 156 5.86 -30.12 34.91
CA HIS C 156 4.75 -30.67 34.16
C HIS C 156 4.69 -29.91 32.85
N VAL C 157 5.04 -30.58 31.76
CA VAL C 157 5.07 -29.89 30.47
C VAL C 157 4.03 -30.54 29.59
N LYS C 158 3.54 -29.77 28.62
CA LYS C 158 2.40 -30.18 27.79
C LYS C 158 2.64 -29.79 26.35
N ILE C 159 2.51 -30.78 25.46
CA ILE C 159 2.57 -30.51 24.03
C ILE C 159 1.37 -29.68 23.63
N THR C 160 1.58 -28.76 22.69
CA THR C 160 0.49 -27.88 22.27
C THR C 160 0.48 -27.80 20.75
N ASP C 161 -0.65 -27.33 20.22
CA ASP C 161 -0.82 -26.96 18.82
C ASP C 161 -0.76 -28.15 17.87
N PHE C 162 -1.51 -29.20 18.18
CA PHE C 162 -1.62 -30.25 17.18
C PHE C 162 -2.87 -30.01 16.32
N GLY C 163 -2.91 -30.69 15.18
CA GLY C 163 -3.96 -30.46 14.21
C GLY C 163 -4.08 -29.02 13.75
N LEU C 164 -3.19 -28.14 14.21
CA LEU C 164 -3.04 -26.81 13.64
C LEU C 164 -2.39 -26.88 12.27
N ALA C 165 -1.49 -27.86 12.06
CA ALA C 165 -0.79 -28.00 10.78
C ALA C 165 -1.74 -28.47 9.68
N LYS C 166 -2.85 -29.11 10.04
CA LYS C 166 -3.91 -29.44 9.10
C LYS C 166 -5.13 -28.60 9.48
N LEU C 167 -4.96 -27.29 9.34
CA LEU C 167 -6.01 -26.32 9.59
C LEU C 167 -5.78 -25.11 8.68
N LEU C 168 -5.08 -25.29 7.56
CA LEU C 168 -4.79 -24.22 6.62
C LEU C 168 -6.01 -24.02 5.74
N VAL C 182 7.42 -23.21 7.11
CA VAL C 182 7.62 -24.66 7.09
C VAL C 182 8.92 -25.08 7.79
N PRO C 183 8.80 -25.68 9.00
CA PRO C 183 9.99 -25.90 9.85
C PRO C 183 10.90 -27.03 9.37
N ILE C 184 11.59 -26.78 8.25
CA ILE C 184 12.41 -27.81 7.59
C ILE C 184 13.39 -28.42 8.59
N LYS C 185 13.99 -27.57 9.43
CA LYS C 185 15.00 -28.06 10.35
C LYS C 185 14.44 -29.03 11.39
N TRP C 186 13.13 -29.29 11.37
CA TRP C 186 12.47 -30.19 12.29
C TRP C 186 11.84 -31.39 11.58
N MET C 187 11.82 -31.39 10.26
CA MET C 187 11.17 -32.46 9.52
C MET C 187 12.09 -33.64 9.22
N ALA C 188 11.48 -34.81 9.25
CA ALA C 188 12.12 -36.01 8.74
C ALA C 188 12.36 -35.85 7.25
N LEU C 189 13.37 -36.58 6.75
CA LEU C 189 13.72 -36.49 5.32
C LEU C 189 12.49 -36.76 4.47
N GLU C 190 11.69 -37.74 4.87
CA GLU C 190 10.54 -38.09 4.06
C GLU C 190 9.50 -36.97 3.99
N SER C 191 9.46 -36.04 4.95
CA SER C 191 8.53 -34.93 4.80
C SER C 191 9.18 -33.73 4.12
N ILE C 192 10.50 -33.60 4.25
CA ILE C 192 11.21 -32.63 3.43
C ILE C 192 11.05 -32.95 1.95
N LEU C 193 11.16 -34.24 1.60
CA LEU C 193 11.14 -34.59 0.19
C LEU C 193 9.73 -34.75 -0.33
N HIS C 194 8.87 -35.44 0.42
CA HIS C 194 7.62 -35.91 -0.18
C HIS C 194 6.38 -35.41 0.54
N ARG C 195 6.52 -34.51 1.51
CA ARG C 195 5.39 -34.01 2.33
C ARG C 195 4.61 -35.15 3.01
N ILE C 196 5.27 -36.26 3.30
CA ILE C 196 4.66 -37.35 4.08
C ILE C 196 4.81 -37.04 5.56
N TYR C 197 3.69 -37.06 6.29
CA TYR C 197 3.70 -36.81 7.73
C TYR C 197 3.09 -38.02 8.42
N THR C 198 3.92 -38.79 9.09
CA THR C 198 3.47 -39.96 9.82
C THR C 198 3.80 -39.77 11.29
N HIS C 199 3.40 -40.77 12.08
CA HIS C 199 3.83 -40.78 13.47
C HIS C 199 5.33 -40.89 13.55
N GLN C 200 5.89 -41.79 12.75
CA GLN C 200 7.35 -41.94 12.67
C GLN C 200 8.07 -40.65 12.23
N SER C 201 7.45 -39.80 11.39
CA SER C 201 8.10 -38.49 11.18
C SER C 201 8.01 -37.60 12.42
N ASP C 202 6.92 -37.72 13.20
CA ASP C 202 6.88 -37.01 14.48
C ASP C 202 8.01 -37.47 15.40
N VAL C 203 8.27 -38.78 15.45
CA VAL C 203 9.44 -39.28 16.17
C VAL C 203 10.70 -38.51 15.77
N TRP C 204 10.82 -38.14 14.49
CA TRP C 204 11.99 -37.39 14.05
C TRP C 204 11.99 -36.01 14.69
N SER C 205 10.87 -35.33 14.61
CA SER C 205 10.79 -34.03 15.26
C SER C 205 10.98 -34.16 16.77
N TYR C 206 10.50 -35.27 17.37
CA TYR C 206 10.76 -35.49 18.78
C TYR C 206 12.26 -35.52 19.06
N GLY C 207 13.03 -36.18 18.18
CA GLY C 207 14.48 -36.22 18.32
C GLY C 207 15.10 -34.84 18.31
N VAL C 208 14.65 -33.97 17.41
CA VAL C 208 15.16 -32.61 17.42
C VAL C 208 14.73 -31.90 18.68
N THR C 209 13.45 -32.06 19.05
CA THR C 209 12.92 -31.47 20.27
C THR C 209 13.77 -31.83 21.48
N VAL C 210 14.10 -33.12 21.62
CA VAL C 210 15.02 -33.54 22.68
C VAL C 210 16.36 -32.86 22.53
N TRP C 211 16.88 -32.75 21.29
CA TRP C 211 18.16 -32.06 21.08
C TRP C 211 18.08 -30.59 21.47
N GLU C 212 16.97 -29.94 21.17
CA GLU C 212 16.76 -28.59 21.69
C GLU C 212 16.92 -28.52 23.22
N LEU C 213 16.33 -29.47 23.94
CA LEU C 213 16.39 -29.39 25.40
C LEU C 213 17.79 -29.62 25.90
N MET C 214 18.45 -30.65 25.38
CA MET C 214 19.75 -31.06 25.88
C MET C 214 20.83 -30.02 25.58
N THR C 215 20.64 -29.23 24.52
CA THR C 215 21.52 -28.09 24.25
C THR C 215 21.03 -26.81 24.89
N PHE C 216 20.12 -26.90 25.87
CA PHE C 216 19.60 -25.76 26.59
C PHE C 216 19.14 -24.68 25.62
N GLY C 217 18.59 -25.11 24.49
CA GLY C 217 17.79 -24.24 23.65
C GLY C 217 18.40 -23.86 22.32
N SER C 218 19.58 -24.40 21.98
CA SER C 218 20.31 -24.02 20.77
C SER C 218 19.40 -24.13 19.55
N LYS C 219 19.64 -23.28 18.57
CA LYS C 219 18.90 -23.50 17.34
C LYS C 219 19.54 -24.61 16.53
N PRO C 220 18.75 -25.51 15.96
CA PRO C 220 19.31 -26.59 15.13
C PRO C 220 19.80 -26.11 13.78
N TYR C 221 20.85 -26.75 13.30
CA TYR C 221 21.54 -26.43 12.04
C TYR C 221 21.71 -24.92 11.86
N ASP C 222 22.38 -24.32 12.84
CA ASP C 222 22.43 -22.87 12.96
C ASP C 222 23.24 -22.28 11.83
N GLY C 223 22.62 -21.37 11.08
CA GLY C 223 23.29 -20.75 9.95
C GLY C 223 23.30 -21.57 8.68
N ILE C 224 22.54 -22.65 8.59
CA ILE C 224 22.49 -23.52 7.41
C ILE C 224 21.20 -23.20 6.66
N PRO C 225 21.22 -23.07 5.33
CA PRO C 225 19.97 -22.80 4.62
C PRO C 225 19.07 -24.02 4.66
N ALA C 226 17.76 -23.75 4.74
CA ALA C 226 16.77 -24.82 4.72
C ALA C 226 16.82 -25.64 3.44
N SER C 227 17.33 -25.07 2.35
CA SER C 227 17.42 -25.82 1.11
C SER C 227 18.54 -26.86 1.15
N GLU C 228 19.59 -26.61 1.93
N GLU C 228 19.58 -26.62 1.95
CA GLU C 228 20.70 -27.56 2.05
CA GLU C 228 20.68 -27.56 2.05
C GLU C 228 20.44 -28.64 3.09
C GLU C 228 20.44 -28.64 3.08
N ILE C 229 19.26 -28.66 3.71
CA ILE C 229 19.01 -29.64 4.77
C ILE C 229 18.78 -31.02 4.16
N SER C 230 17.89 -31.12 3.17
CA SER C 230 17.73 -32.38 2.46
C SER C 230 19.09 -32.89 1.94
N SER C 231 20.01 -31.97 1.66
CA SER C 231 21.36 -32.35 1.24
C SER C 231 22.15 -32.98 2.38
N ILE C 232 22.37 -32.25 3.47
CA ILE C 232 23.26 -32.76 4.51
C ILE C 232 22.70 -34.04 5.16
N LEU C 233 21.37 -34.17 5.22
CA LEU C 233 20.77 -35.37 5.83
C LEU C 233 21.04 -36.63 5.01
N GLU C 234 21.02 -36.55 3.68
CA GLU C 234 21.30 -37.75 2.89
C GLU C 234 22.77 -38.15 2.97
N LYS C 235 23.70 -37.18 3.10
CA LYS C 235 25.12 -37.47 3.40
C LYS C 235 25.35 -38.08 4.81
N GLY C 236 24.28 -38.39 5.57
CA GLY C 236 24.37 -38.97 6.89
C GLY C 236 24.68 -38.02 8.04
N GLU C 237 25.09 -36.78 7.77
CA GLU C 237 25.26 -35.81 8.84
C GLU C 237 23.98 -35.64 9.65
N ARG C 238 24.15 -35.43 10.96
CA ARG C 238 23.05 -35.20 11.90
C ARG C 238 23.44 -34.05 12.82
N LEU C 239 22.51 -33.68 13.68
CA LEU C 239 22.82 -32.64 14.64
C LEU C 239 23.88 -33.16 15.60
N PRO C 240 24.74 -32.30 16.11
CA PRO C 240 25.88 -32.78 16.91
C PRO C 240 25.44 -33.29 18.27
N GLN C 241 26.22 -34.22 18.81
CA GLN C 241 26.07 -34.64 20.19
C GLN C 241 26.18 -33.44 21.13
N PRO C 242 25.11 -33.10 21.86
CA PRO C 242 25.22 -32.02 22.84
C PRO C 242 26.28 -32.31 23.85
N PRO C 243 27.02 -31.29 24.31
CA PRO C 243 28.07 -31.50 25.32
C PRO C 243 27.68 -32.41 26.47
N ILE C 244 26.48 -32.22 27.07
CA ILE C 244 26.08 -32.92 28.30
C ILE C 244 25.47 -34.29 28.08
N CYS C 245 25.26 -34.72 26.84
CA CYS C 245 24.66 -36.01 26.54
C CYS C 245 25.72 -37.09 26.49
N THR C 246 25.51 -38.18 27.21
CA THR C 246 26.24 -39.42 27.01
C THR C 246 25.74 -40.11 25.73
N ILE C 247 26.37 -41.24 25.36
CA ILE C 247 26.03 -41.83 24.06
C ILE C 247 24.72 -42.58 24.15
N ASP C 248 24.36 -43.09 25.33
CA ASP C 248 23.00 -43.61 25.49
C ASP C 248 21.97 -42.59 25.05
N VAL C 249 22.13 -41.31 25.43
CA VAL C 249 21.13 -40.32 25.07
C VAL C 249 21.22 -39.98 23.60
N TYR C 250 22.42 -39.61 23.14
CA TYR C 250 22.63 -39.26 21.74
C TYR C 250 22.15 -40.37 20.81
N MET C 251 22.38 -41.64 21.20
CA MET C 251 21.96 -42.75 20.34
C MET C 251 20.45 -42.75 20.16
N ILE C 252 19.72 -42.42 21.22
CA ILE C 252 18.27 -42.28 21.09
C ILE C 252 17.94 -41.24 20.04
N MET C 253 18.57 -40.06 20.16
CA MET C 253 18.41 -39.01 19.16
C MET C 253 18.77 -39.54 17.77
N ARG C 254 19.92 -40.22 17.68
CA ARG C 254 20.40 -40.68 16.38
C ARG C 254 19.46 -41.71 15.78
N LYS C 255 18.89 -42.58 16.60
CA LYS C 255 17.94 -43.53 16.05
C LYS C 255 16.64 -42.84 15.64
N CYS C 256 16.35 -41.66 16.22
CA CYS C 256 15.17 -40.90 15.84
C CYS C 256 15.35 -40.25 14.47
N TRP C 257 16.58 -40.12 14.00
CA TRP C 257 16.87 -39.50 12.72
C TRP C 257 17.37 -40.50 11.69
N MET C 258 17.12 -41.79 11.88
CA MET C 258 17.44 -42.75 10.84
C MET C 258 16.59 -42.46 9.61
N ILE C 259 17.11 -42.93 8.46
CA ILE C 259 16.46 -42.73 7.17
C ILE C 259 15.21 -43.60 7.06
N ASP C 260 15.33 -44.87 7.41
CA ASP C 260 14.19 -45.78 7.32
C ASP C 260 13.26 -45.46 8.48
N ALA C 261 12.05 -45.02 8.16
CA ALA C 261 11.14 -44.55 9.18
C ALA C 261 10.77 -45.68 10.15
N ASP C 262 10.64 -46.91 9.65
CA ASP C 262 10.20 -47.98 10.53
C ASP C 262 11.27 -48.43 11.50
N SER C 263 12.49 -47.96 11.34
CA SER C 263 13.56 -48.38 12.22
C SER C 263 13.67 -47.48 13.43
N ARG C 264 12.94 -46.34 13.43
CA ARG C 264 12.99 -45.36 14.49
C ARG C 264 12.26 -45.88 15.71
N PRO C 265 12.62 -45.39 16.90
CA PRO C 265 11.90 -45.82 18.09
C PRO C 265 10.45 -45.35 18.03
N LYS C 266 9.56 -46.20 18.55
CA LYS C 266 8.15 -45.86 18.68
C LYS C 266 8.00 -45.03 19.94
N PHE C 267 6.90 -44.27 20.05
CA PHE C 267 6.81 -43.34 21.18
C PHE C 267 6.71 -44.10 22.48
N ARG C 268 5.98 -45.23 22.48
CA ARG C 268 5.97 -46.09 23.66
C ARG C 268 7.37 -46.56 24.02
N GLU C 269 8.25 -46.70 23.03
CA GLU C 269 9.61 -47.17 23.29
C GLU C 269 10.39 -46.12 24.09
N LEU C 270 10.11 -44.85 23.87
CA LEU C 270 10.97 -43.84 24.46
C LEU C 270 10.58 -43.54 25.90
N ILE C 271 9.29 -43.69 26.24
CA ILE C 271 8.85 -43.55 27.63
C ILE C 271 9.62 -44.52 28.50
N ILE C 272 9.69 -45.78 28.08
CA ILE C 272 10.37 -46.78 28.88
C ILE C 272 11.85 -46.46 29.00
N GLU C 273 12.49 -46.10 27.88
CA GLU C 273 13.92 -45.83 27.90
C GLU C 273 14.24 -44.57 28.69
N PHE C 274 13.46 -43.50 28.49
CA PHE C 274 13.76 -42.25 29.18
C PHE C 274 13.40 -42.33 30.67
N SER C 275 12.31 -43.01 31.01
CA SER C 275 12.01 -43.22 32.42
C SER C 275 13.18 -43.91 33.11
N LYS C 276 13.72 -44.94 32.48
CA LYS C 276 14.84 -45.68 33.05
C LYS C 276 16.06 -44.77 33.28
N MET C 277 16.38 -43.93 32.32
CA MET C 277 17.50 -43.01 32.54
C MET C 277 17.19 -42.05 33.69
N ALA C 278 15.92 -41.66 33.84
CA ALA C 278 15.56 -40.69 34.88
C ALA C 278 15.69 -41.28 36.28
N ARG C 279 15.57 -42.59 36.42
CA ARG C 279 15.88 -43.19 37.69
C ARG C 279 17.36 -43.06 38.06
N ASP C 280 18.21 -42.65 37.13
CA ASP C 280 19.63 -42.49 37.41
C ASP C 280 20.15 -41.33 36.58
N PRO C 281 19.60 -40.14 36.76
CA PRO C 281 19.86 -39.06 35.79
C PRO C 281 21.32 -38.70 35.66
N GLN C 282 22.08 -38.72 36.74
CA GLN C 282 23.47 -38.29 36.63
C GLN C 282 24.34 -39.34 35.97
N ARG C 283 23.78 -40.52 35.65
CA ARG C 283 24.53 -41.52 34.90
C ARG C 283 24.48 -41.29 33.40
N TYR C 284 23.42 -40.61 32.90
CA TYR C 284 23.19 -40.43 31.47
C TYR C 284 23.30 -38.99 30.99
N LEU C 285 23.34 -38.01 31.88
CA LEU C 285 23.59 -36.62 31.50
C LEU C 285 24.72 -36.09 32.38
N VAL C 286 25.57 -35.24 31.81
CA VAL C 286 26.75 -34.75 32.52
C VAL C 286 26.65 -33.22 32.51
N ILE C 287 26.20 -32.69 33.64
CA ILE C 287 25.94 -31.27 33.82
C ILE C 287 26.74 -30.80 35.02
N GLN C 288 27.36 -29.65 34.89
CA GLN C 288 28.20 -29.17 35.99
C GLN C 288 27.36 -28.73 37.18
N GLY C 289 27.86 -29.05 38.38
CA GLY C 289 27.12 -28.79 39.59
C GLY C 289 25.73 -29.40 39.60
N ASP C 290 25.54 -30.47 38.84
CA ASP C 290 24.23 -31.12 38.82
C ASP C 290 23.86 -31.57 40.24
N GLU C 291 24.87 -31.94 41.04
CA GLU C 291 24.63 -32.39 42.40
C GLU C 291 23.85 -31.35 43.19
N ARG C 292 24.17 -30.08 43.00
CA ARG C 292 23.53 -29.01 43.76
C ARG C 292 22.02 -29.00 43.53
N MET C 293 21.61 -28.82 42.27
CA MET C 293 20.24 -28.44 41.94
C MET C 293 19.47 -29.67 41.47
N HIS C 294 18.97 -30.43 42.44
CA HIS C 294 18.03 -31.51 42.12
C HIS C 294 16.64 -31.09 42.58
N LEU C 295 16.18 -29.94 42.11
CA LEU C 295 15.04 -29.23 42.72
C LEU C 295 13.82 -30.11 43.00
N PRO C 296 13.32 -30.95 42.05
CA PRO C 296 12.08 -31.70 42.26
C PRO C 296 11.87 -32.24 43.68
N SER C 297 10.90 -31.72 44.43
CA SER C 297 10.71 -32.24 45.78
C SER C 297 9.23 -32.32 46.08
N PRO C 298 8.79 -33.27 46.95
CA PRO C 298 7.36 -33.38 47.25
C PRO C 298 6.72 -32.08 47.75
N THR C 299 7.21 -31.51 48.86
CA THR C 299 6.65 -30.27 49.40
C THR C 299 6.59 -29.24 48.29
N ASP C 300 7.68 -29.10 47.55
CA ASP C 300 7.71 -28.14 46.46
C ASP C 300 6.65 -28.49 45.43
N SER C 301 6.37 -29.77 45.24
CA SER C 301 5.54 -30.19 44.12
C SER C 301 4.05 -30.27 44.48
N ASN C 302 3.70 -30.37 45.75
CA ASN C 302 2.29 -30.24 46.08
C ASN C 302 1.84 -28.79 46.16
N PHE C 303 2.76 -27.85 46.33
CA PHE C 303 2.37 -26.43 46.37
C PHE C 303 1.96 -25.98 44.97
N TYR C 304 2.80 -26.28 43.97
CA TYR C 304 2.49 -26.05 42.57
C TYR C 304 1.17 -26.69 42.19
N ARG C 305 1.00 -27.96 42.54
CA ARG C 305 -0.18 -28.71 42.16
C ARG C 305 -1.45 -28.06 42.70
N ALA C 306 -1.45 -27.72 43.99
CA ALA C 306 -2.62 -27.12 44.63
C ALA C 306 -2.98 -25.77 44.01
N LEU C 307 -1.98 -24.95 43.68
CA LEU C 307 -2.25 -23.66 43.05
C LEU C 307 -2.46 -23.76 41.54
N MET C 308 -1.61 -24.51 40.82
CA MET C 308 -1.46 -24.39 39.37
C MET C 308 -1.83 -25.63 38.58
N ASP C 309 -1.91 -26.80 39.21
CA ASP C 309 -1.86 -27.92 38.32
C ASP C 309 -2.62 -29.07 38.99
N GLU C 310 -3.93 -28.92 39.02
CA GLU C 310 -4.74 -29.87 39.76
C GLU C 310 -5.10 -31.12 38.96
N GLU C 311 -4.63 -31.25 37.72
CA GLU C 311 -5.00 -32.42 36.93
C GLU C 311 -4.17 -33.63 37.36
N ASP C 312 -4.73 -34.81 37.19
CA ASP C 312 -4.00 -36.04 37.52
C ASP C 312 -3.07 -36.34 36.37
N MET C 313 -1.76 -36.40 36.63
CA MET C 313 -0.75 -36.73 35.62
C MET C 313 -0.27 -38.16 35.81
N ASP C 318 13.12 -37.46 42.33
CA ASP C 318 12.99 -38.77 41.68
C ASP C 318 14.22 -39.68 41.92
N ALA C 319 14.87 -40.09 40.83
CA ALA C 319 16.02 -41.03 40.79
C ALA C 319 15.53 -42.41 41.28
N ASP C 320 16.44 -43.21 41.86
CA ASP C 320 16.15 -44.55 42.36
C ASP C 320 17.26 -45.10 43.28
N ALA D 8 18.90 20.37 -24.94
CA ALA D 8 18.87 20.28 -26.40
C ALA D 8 17.51 20.72 -26.91
N LEU D 9 16.51 20.50 -26.07
CA LEU D 9 15.16 20.96 -26.30
C LEU D 9 14.96 22.40 -25.84
N LEU D 10 15.99 23.02 -25.23
CA LEU D 10 15.86 24.34 -24.62
C LEU D 10 17.09 25.18 -24.97
N ARG D 11 16.89 26.21 -25.79
CA ARG D 11 17.97 27.07 -26.21
C ARG D 11 18.18 28.19 -25.20
N ILE D 12 19.37 28.25 -24.62
CA ILE D 12 19.75 29.38 -23.76
C ILE D 12 20.07 30.56 -24.66
N LEU D 13 19.52 31.72 -24.32
CA LEU D 13 19.58 32.90 -25.17
C LEU D 13 20.43 33.99 -24.53
N LYS D 14 21.31 34.57 -25.33
CA LYS D 14 22.04 35.76 -24.92
C LYS D 14 21.12 36.95 -25.05
N GLU D 15 21.21 37.88 -24.10
CA GLU D 15 20.34 39.05 -24.11
C GLU D 15 20.54 39.89 -25.36
N THR D 16 21.73 39.84 -25.96
CA THR D 16 22.04 40.64 -27.13
C THR D 16 21.35 40.14 -28.39
N GLU D 17 20.79 38.94 -28.39
CA GLU D 17 20.27 38.32 -29.60
C GLU D 17 18.75 38.25 -29.65
N PHE D 18 18.05 38.91 -28.72
CA PHE D 18 16.60 39.03 -28.81
C PHE D 18 16.17 40.35 -28.17
N LYS D 19 15.12 40.95 -28.73
CA LYS D 19 14.65 42.26 -28.31
C LYS D 19 13.14 42.28 -28.10
N LYS D 20 12.71 42.69 -26.90
CA LYS D 20 11.29 42.89 -26.61
C LYS D 20 10.77 44.10 -27.38
N ILE D 21 9.65 43.93 -28.07
CA ILE D 21 9.12 45.01 -28.89
C ILE D 21 7.95 45.67 -28.18
N LYS D 22 6.92 44.88 -27.90
CA LYS D 22 5.68 45.44 -27.39
C LYS D 22 5.16 44.56 -26.26
N VAL D 23 4.61 45.22 -25.24
CA VAL D 23 3.86 44.56 -24.17
C VAL D 23 2.56 44.05 -24.76
N LEU D 24 2.33 42.76 -24.65
CA LEU D 24 1.04 42.22 -25.03
C LEU D 24 0.10 42.09 -23.84
N GLY D 25 0.64 42.04 -22.63
CA GLY D 25 -0.14 41.88 -21.43
C GLY D 25 0.73 41.40 -20.29
N SER D 26 0.28 41.70 -19.08
CA SER D 26 0.92 41.24 -17.86
C SER D 26 -0.10 40.42 -17.07
N GLY D 27 0.37 39.81 -15.99
CA GLY D 27 -0.51 38.95 -15.22
C GLY D 27 0.09 38.50 -13.91
N ALA D 28 -0.43 37.36 -13.43
CA ALA D 28 -0.04 36.86 -12.11
C ALA D 28 1.41 36.38 -12.09
N PHE D 29 1.86 35.73 -13.17
CA PHE D 29 3.20 35.12 -13.18
C PHE D 29 4.24 35.93 -13.97
N GLY D 30 3.85 36.98 -14.68
CA GLY D 30 4.84 37.81 -15.34
C GLY D 30 4.21 38.80 -16.32
N THR D 31 4.98 39.15 -17.35
CA THR D 31 4.57 40.09 -18.39
C THR D 31 5.01 39.56 -19.75
N VAL D 32 4.09 39.49 -20.70
CA VAL D 32 4.35 38.87 -21.99
C VAL D 32 4.64 39.95 -23.03
N TYR D 33 5.69 39.76 -23.83
CA TYR D 33 6.08 40.70 -24.88
C TYR D 33 6.09 40.03 -26.24
N LYS D 34 5.57 40.74 -27.25
CA LYS D 34 5.93 40.42 -28.63
C LYS D 34 7.37 40.83 -28.85
N GLY D 35 8.24 39.84 -29.07
CA GLY D 35 9.63 40.06 -29.31
C GLY D 35 10.10 39.65 -30.70
N LEU D 36 11.39 39.82 -30.90
CA LEU D 36 12.06 39.56 -32.17
C LEU D 36 13.31 38.75 -31.90
N TRP D 37 13.43 37.60 -32.55
CA TRP D 37 14.67 36.85 -32.54
C TRP D 37 15.49 37.23 -33.77
N ILE D 38 16.74 37.62 -33.54
CA ILE D 38 17.67 37.87 -34.62
C ILE D 38 18.76 36.80 -34.53
N PRO D 39 18.73 35.78 -35.36
CA PRO D 39 19.81 34.78 -35.35
C PRO D 39 21.15 35.45 -35.62
N GLU D 40 22.18 35.00 -34.89
CA GLU D 40 23.51 35.56 -35.06
C GLU D 40 24.00 35.35 -36.49
N GLY D 41 24.55 36.40 -37.08
CA GLY D 41 25.03 36.36 -38.44
C GLY D 41 23.94 36.45 -39.49
N GLU D 42 22.67 36.46 -39.11
CA GLU D 42 21.58 36.60 -40.07
C GLU D 42 20.95 37.98 -39.94
N LYS D 43 20.30 38.43 -41.02
CA LYS D 43 19.70 39.75 -41.09
C LYS D 43 18.19 39.72 -40.88
N VAL D 44 17.60 38.54 -40.71
CA VAL D 44 16.16 38.39 -40.61
C VAL D 44 15.76 38.46 -39.14
N LYS D 45 14.65 39.13 -38.87
CA LYS D 45 14.08 39.25 -37.54
C LYS D 45 12.88 38.31 -37.48
N ILE D 46 12.89 37.38 -36.54
CA ILE D 46 11.86 36.35 -36.40
C ILE D 46 11.00 36.69 -35.18
N PRO D 47 9.69 36.82 -35.33
CA PRO D 47 8.85 37.15 -34.18
C PRO D 47 8.85 36.02 -33.16
N VAL D 48 8.96 36.39 -31.90
CA VAL D 48 8.80 35.42 -30.83
C VAL D 48 7.94 36.03 -29.74
N ALA D 49 7.52 35.18 -28.83
CA ALA D 49 6.84 35.63 -27.64
C ALA D 49 7.78 35.41 -26.47
N ILE D 50 7.83 36.39 -25.57
CA ILE D 50 8.79 36.36 -24.47
C ILE D 50 8.06 36.73 -23.18
N LYS D 51 8.30 35.95 -22.13
CA LYS D 51 7.65 36.08 -20.84
C LYS D 51 8.69 36.38 -19.76
N GLU D 52 8.66 37.61 -19.23
CA GLU D 52 9.54 38.03 -18.14
C GLU D 52 8.91 37.64 -16.80
N LEU D 53 9.38 36.53 -16.21
CA LEU D 53 8.77 36.01 -14.99
C LEU D 53 8.94 36.97 -13.82
N ARG D 54 8.03 36.85 -12.86
CA ARG D 54 8.14 37.53 -11.59
C ARG D 54 8.96 36.68 -10.61
N GLU D 55 9.18 37.25 -9.43
CA GLU D 55 10.12 36.68 -8.47
C GLU D 55 9.48 35.48 -7.75
N ALA D 56 10.18 34.35 -7.76
CA ALA D 56 9.63 33.06 -7.30
C ALA D 56 9.42 32.99 -5.78
N LYS D 60 15.12 30.65 -5.95
CA LYS D 60 15.55 29.46 -6.70
C LYS D 60 16.89 29.67 -7.46
N ALA D 61 17.84 28.75 -7.25
CA ALA D 61 19.13 28.85 -7.92
C ALA D 61 18.89 28.56 -9.39
N ASN D 62 19.31 29.49 -10.27
CA ASN D 62 18.81 29.49 -11.63
C ASN D 62 18.74 28.04 -12.16
N LYS D 63 19.81 27.26 -11.99
CA LYS D 63 19.83 25.92 -12.53
C LYS D 63 18.77 24.97 -11.92
N GLU D 64 18.05 25.37 -10.86
CA GLU D 64 16.85 24.62 -10.55
C GLU D 64 15.66 25.05 -11.39
N ILE D 65 15.50 26.37 -11.57
CA ILE D 65 14.60 26.89 -12.61
C ILE D 65 14.88 26.21 -13.94
N LEU D 66 16.13 26.20 -14.36
CA LEU D 66 16.50 25.51 -15.62
C LEU D 66 15.97 24.07 -15.56
N ASP D 67 16.23 23.40 -14.44
CA ASP D 67 15.77 22.01 -14.32
C ASP D 67 14.26 21.87 -14.52
N GLU D 68 13.53 22.98 -14.47
CA GLU D 68 12.10 22.98 -14.75
C GLU D 68 11.79 23.46 -16.15
N ALA D 69 12.51 24.48 -16.64
CA ALA D 69 12.46 24.76 -18.07
C ALA D 69 12.68 23.48 -18.87
N TYR D 70 13.65 22.66 -18.44
CA TYR D 70 13.92 21.44 -19.17
C TYR D 70 12.69 20.54 -19.20
N VAL D 71 11.93 20.50 -18.10
CA VAL D 71 10.66 19.79 -18.15
C VAL D 71 9.68 20.54 -19.05
N MET D 72 9.59 21.86 -18.89
CA MET D 72 8.78 22.69 -19.77
C MET D 72 9.05 22.37 -21.24
N ALA D 73 10.31 22.58 -21.68
CA ALA D 73 10.68 22.45 -23.07
C ALA D 73 10.50 21.04 -23.61
N SER D 74 10.15 20.08 -22.78
CA SER D 74 10.00 18.71 -23.22
C SER D 74 8.58 18.36 -23.64
N VAL D 75 7.61 19.22 -23.47
CA VAL D 75 6.27 18.84 -23.89
C VAL D 75 6.23 18.82 -25.41
N ASP D 76 5.63 17.78 -25.98
CA ASP D 76 5.51 17.69 -27.42
C ASP D 76 4.16 17.04 -27.73
N ASN D 77 3.16 17.89 -27.93
CA ASN D 77 1.81 17.49 -28.24
C ASN D 77 1.26 18.71 -28.97
N PRO D 78 0.44 18.53 -30.01
CA PRO D 78 0.00 19.69 -30.80
C PRO D 78 -0.91 20.65 -30.05
N HIS D 79 -1.33 20.34 -28.82
CA HIS D 79 -2.26 21.18 -28.09
C HIS D 79 -1.67 21.69 -26.79
N VAL D 80 -0.34 21.58 -26.61
CA VAL D 80 0.37 22.17 -25.48
C VAL D 80 1.57 22.94 -26.04
N CYS D 81 1.62 24.23 -25.74
CA CYS D 81 2.74 25.07 -26.17
C CYS D 81 4.02 24.57 -25.53
N ARG D 82 5.10 24.56 -26.31
CA ARG D 82 6.40 24.16 -25.82
C ARG D 82 7.21 25.40 -25.46
N LEU D 83 7.97 25.32 -24.37
CA LEU D 83 8.93 26.36 -24.02
C LEU D 83 10.15 26.23 -24.92
N LEU D 84 10.46 27.29 -25.66
CA LEU D 84 11.49 27.11 -26.66
C LEU D 84 12.87 27.53 -26.15
N GLY D 85 12.92 28.59 -25.34
CA GLY D 85 14.17 29.11 -24.85
C GLY D 85 14.08 29.68 -23.46
N ILE D 86 15.14 30.33 -23.01
CA ILE D 86 15.27 30.90 -21.67
C ILE D 86 16.45 31.88 -21.72
N CYS D 87 16.34 32.99 -20.98
CA CYS D 87 17.37 34.01 -20.99
C CYS D 87 18.00 34.14 -19.61
N LEU D 88 19.31 33.96 -19.57
CA LEU D 88 20.16 34.22 -18.43
C LEU D 88 20.23 35.70 -18.09
N THR D 89 19.24 36.17 -17.34
CA THR D 89 19.21 37.52 -16.81
C THR D 89 19.09 37.45 -15.29
N SER D 90 19.20 38.63 -14.66
CA SER D 90 18.66 38.85 -13.32
C SER D 90 17.25 38.28 -13.20
N THR D 91 16.54 38.27 -14.33
CA THR D 91 15.17 37.80 -14.46
C THR D 91 15.16 36.42 -15.12
N VAL D 92 14.02 35.77 -15.02
CA VAL D 92 13.73 34.55 -15.77
C VAL D 92 12.89 34.97 -16.98
N GLN D 93 13.44 34.80 -18.18
CA GLN D 93 12.80 35.24 -19.42
C GLN D 93 12.61 34.05 -20.35
N LEU D 94 11.35 33.66 -20.57
CA LEU D 94 10.98 32.50 -21.35
C LEU D 94 10.54 32.90 -22.75
N ILE D 95 11.03 32.18 -23.76
CA ILE D 95 10.70 32.44 -25.14
C ILE D 95 9.86 31.27 -25.67
N MET D 96 8.84 31.60 -26.43
CA MET D 96 7.98 30.61 -27.05
C MET D 96 7.50 31.14 -28.40
N GLN D 97 6.74 30.32 -29.10
CA GLN D 97 6.21 30.70 -30.39
C GLN D 97 5.16 31.81 -30.26
N LEU D 98 5.37 32.91 -30.99
CA LEU D 98 4.40 34.00 -30.99
C LEU D 98 3.09 33.55 -31.64
N MET D 99 1.98 33.76 -30.94
CA MET D 99 0.64 33.37 -31.40
C MET D 99 -0.16 34.60 -31.78
N PRO D 100 -0.17 35.00 -33.05
CA PRO D 100 -0.80 36.29 -33.40
C PRO D 100 -2.28 36.36 -33.06
N PHE D 101 -2.94 35.23 -32.83
CA PHE D 101 -4.38 35.28 -32.61
C PHE D 101 -4.76 35.59 -31.18
N GLY D 102 -3.86 35.36 -30.23
CA GLY D 102 -4.15 35.65 -28.84
C GLY D 102 -4.85 34.50 -28.13
N CYS D 103 -5.17 34.73 -26.86
CA CYS D 103 -5.79 33.70 -26.06
C CYS D 103 -7.26 33.49 -26.45
N LEU D 104 -7.78 32.31 -26.11
CA LEU D 104 -9.12 31.89 -26.51
C LEU D 104 -10.19 32.66 -25.76
N LEU D 105 -9.88 33.14 -24.55
CA LEU D 105 -10.82 33.95 -23.81
C LEU D 105 -11.12 35.25 -24.55
N ASP D 106 -10.09 36.02 -24.90
CA ASP D 106 -10.28 37.22 -25.72
C ASP D 106 -10.98 36.87 -27.03
N TYR D 107 -10.63 35.72 -27.62
CA TYR D 107 -11.24 35.32 -28.88
C TYR D 107 -12.75 35.16 -28.76
N VAL D 108 -13.22 34.31 -27.84
CA VAL D 108 -14.64 34.03 -27.75
C VAL D 108 -15.44 35.29 -27.35
N ARG D 109 -14.86 36.15 -26.52
CA ARG D 109 -15.50 37.45 -26.27
C ARG D 109 -15.60 38.25 -27.56
N GLU D 110 -14.44 38.50 -28.19
CA GLU D 110 -14.37 39.36 -29.37
C GLU D 110 -15.19 38.82 -30.54
N HIS D 111 -15.33 37.51 -30.65
CA HIS D 111 -16.11 36.92 -31.71
C HIS D 111 -17.52 36.61 -31.29
N LYS D 112 -17.83 36.92 -30.02
CA LYS D 112 -19.14 36.91 -29.39
C LYS D 112 -19.95 35.71 -29.82
N ASP D 113 -21.21 35.91 -30.15
CA ASP D 113 -22.01 34.77 -30.55
C ASP D 113 -21.75 34.32 -32.01
N ASN D 114 -20.84 34.98 -32.77
CA ASN D 114 -20.49 34.58 -34.15
C ASN D 114 -19.50 33.41 -34.23
N ILE D 115 -19.70 32.42 -33.36
CA ILE D 115 -18.85 31.26 -33.23
C ILE D 115 -19.75 30.04 -33.27
N GLY D 116 -19.53 29.15 -34.23
CA GLY D 116 -20.41 28.04 -34.44
C GLY D 116 -20.14 26.89 -33.50
N SER D 117 -21.10 25.98 -33.44
CA SER D 117 -21.02 24.90 -32.47
C SER D 117 -19.87 23.96 -32.78
N GLN D 118 -19.46 23.89 -34.04
CA GLN D 118 -18.35 22.99 -34.41
C GLN D 118 -17.08 23.50 -33.73
N TYR D 119 -16.91 24.80 -33.67
CA TYR D 119 -15.69 25.37 -33.11
C TYR D 119 -15.58 25.06 -31.63
N LEU D 120 -16.60 25.45 -30.84
CA LEU D 120 -16.55 25.28 -29.40
C LEU D 120 -16.29 23.84 -29.00
N LEU D 121 -16.99 22.91 -29.65
CA LEU D 121 -16.83 21.50 -29.32
C LEU D 121 -15.43 21.00 -29.70
N ASN D 122 -14.93 21.41 -30.84
CA ASN D 122 -13.56 20.99 -31.25
C ASN D 122 -12.54 21.53 -30.24
N TRP D 123 -12.70 22.79 -29.82
CA TRP D 123 -11.81 23.35 -28.83
C TRP D 123 -11.80 22.53 -27.55
N CYS D 124 -12.97 22.01 -27.13
CA CYS D 124 -13.00 21.22 -25.90
C CYS D 124 -12.30 19.89 -26.10
N VAL D 125 -12.46 19.28 -27.27
CA VAL D 125 -11.64 18.12 -27.58
C VAL D 125 -10.17 18.48 -27.49
N GLN D 126 -9.76 19.56 -28.17
CA GLN D 126 -8.33 19.86 -28.23
C GLN D 126 -7.77 20.13 -26.85
N ILE D 127 -8.48 20.93 -26.04
CA ILE D 127 -8.00 21.22 -24.69
C ILE D 127 -7.91 19.93 -23.89
N ALA D 128 -8.85 19.03 -24.11
CA ALA D 128 -8.82 17.75 -23.39
C ALA D 128 -7.65 16.89 -23.87
N LYS D 129 -7.45 16.75 -25.19
CA LYS D 129 -6.27 16.01 -25.67
C LYS D 129 -4.99 16.54 -25.05
N GLY D 130 -4.79 17.85 -25.13
CA GLY D 130 -3.63 18.44 -24.48
C GLY D 130 -3.53 18.06 -23.02
N MET D 131 -4.60 18.25 -22.26
CA MET D 131 -4.52 17.91 -20.83
C MET D 131 -4.26 16.41 -20.65
N ASN D 132 -4.94 15.56 -21.41
CA ASN D 132 -4.70 14.14 -21.29
C ASN D 132 -3.24 13.83 -21.58
N TYR D 133 -2.62 14.59 -22.48
CA TYR D 133 -1.22 14.38 -22.77
C TYR D 133 -0.36 14.66 -21.55
N LEU D 134 -0.59 15.81 -20.89
CA LEU D 134 0.16 16.13 -19.68
C LEU D 134 -0.05 15.06 -18.63
N GLU D 135 -1.26 14.52 -18.55
CA GLU D 135 -1.55 13.48 -17.58
C GLU D 135 -0.64 12.29 -17.80
N ASP D 136 -0.52 11.85 -19.06
CA ASP D 136 0.32 10.70 -19.35
C ASP D 136 1.75 10.94 -18.91
N ARG D 137 2.29 12.15 -19.15
CA ARG D 137 3.58 12.63 -18.68
C ARG D 137 3.61 12.90 -17.18
N ARG D 138 2.49 12.65 -16.47
CA ARG D 138 2.37 12.82 -15.02
C ARG D 138 2.64 14.25 -14.55
N LEU D 139 2.55 15.21 -15.45
CA LEU D 139 2.70 16.62 -15.11
C LEU D 139 1.31 17.18 -14.84
N VAL D 140 1.21 18.12 -13.91
CA VAL D 140 -0.06 18.76 -13.56
C VAL D 140 0.04 20.23 -13.96
N HIS D 141 -0.98 20.73 -14.66
CA HIS D 141 -0.96 22.11 -15.12
C HIS D 141 -1.02 23.08 -13.97
N ARG D 142 -2.06 22.94 -13.16
CA ARG D 142 -2.35 23.67 -11.96
C ARG D 142 -2.99 25.01 -12.29
N ASP D 143 -3.00 25.46 -13.55
CA ASP D 143 -3.52 26.80 -13.82
C ASP D 143 -4.21 26.83 -15.18
N LEU D 144 -4.90 25.75 -15.54
CA LEU D 144 -5.69 25.76 -16.76
C LEU D 144 -6.84 26.76 -16.63
N ALA D 145 -7.07 27.52 -17.70
CA ALA D 145 -8.19 28.45 -17.78
C ALA D 145 -8.23 28.95 -19.22
N ALA D 146 -9.37 29.52 -19.60
CA ALA D 146 -9.50 30.08 -20.94
C ALA D 146 -8.36 31.04 -21.27
N ARG D 147 -8.00 31.93 -20.32
CA ARG D 147 -6.88 32.85 -20.56
C ARG D 147 -5.56 32.13 -20.88
N ASN D 148 -5.38 30.88 -20.44
CA ASN D 148 -4.15 30.12 -20.61
C ASN D 148 -4.25 29.12 -21.77
N VAL D 149 -5.18 29.35 -22.70
CA VAL D 149 -5.28 28.58 -23.94
C VAL D 149 -5.09 29.58 -25.06
N LEU D 150 -4.07 29.36 -25.89
CA LEU D 150 -3.79 30.29 -26.97
C LEU D 150 -4.38 29.78 -28.29
N VAL D 151 -4.79 30.72 -29.13
CA VAL D 151 -5.32 30.39 -30.45
C VAL D 151 -4.17 30.45 -31.46
N LYS D 152 -3.78 29.28 -31.99
CA LYS D 152 -2.75 29.29 -33.03
C LYS D 152 -3.38 29.67 -34.37
N THR D 153 -4.40 28.91 -34.76
CA THR D 153 -5.37 29.26 -35.78
C THR D 153 -6.72 29.11 -35.14
N PRO D 154 -7.75 29.70 -35.71
CA PRO D 154 -9.09 29.47 -35.18
C PRO D 154 -9.43 27.99 -35.08
N GLN D 155 -8.75 27.13 -35.84
CA GLN D 155 -9.06 25.71 -35.83
C GLN D 155 -8.14 24.88 -34.96
N HIS D 156 -7.26 25.52 -34.19
CA HIS D 156 -6.24 24.78 -33.45
C HIS D 156 -5.80 25.62 -32.26
N VAL D 157 -6.14 25.16 -31.05
CA VAL D 157 -5.80 25.88 -29.82
C VAL D 157 -4.80 25.06 -29.01
N LYS D 158 -4.04 25.77 -28.18
CA LYS D 158 -2.91 25.19 -27.46
C LYS D 158 -2.85 25.69 -26.03
N ILE D 159 -2.98 24.78 -25.05
CA ILE D 159 -2.77 25.18 -23.66
C ILE D 159 -1.35 25.69 -23.49
N THR D 160 -1.19 26.73 -22.69
CA THR D 160 0.16 27.23 -22.43
C THR D 160 0.33 27.47 -20.94
N ASP D 161 1.48 28.03 -20.58
CA ASP D 161 1.81 28.37 -19.20
C ASP D 161 1.80 27.15 -18.27
N PHE D 162 2.03 25.98 -18.84
CA PHE D 162 2.23 24.78 -18.02
C PHE D 162 3.53 24.86 -17.20
N GLY D 163 3.44 24.46 -15.93
CA GLY D 163 4.59 24.43 -15.01
C GLY D 163 4.96 25.77 -14.41
N LEU D 164 4.41 26.86 -14.98
CA LEU D 164 4.59 28.17 -14.39
C LEU D 164 4.16 28.18 -12.94
N ALA D 165 3.06 27.48 -12.61
CA ALA D 165 2.45 27.55 -11.27
C ALA D 165 3.33 26.89 -10.23
N LYS D 166 3.85 25.71 -10.54
CA LYS D 166 4.68 24.99 -9.58
C LYS D 166 5.99 25.72 -9.33
N LEU D 167 6.49 26.44 -10.33
CA LEU D 167 7.80 27.07 -10.19
C LEU D 167 7.77 28.39 -9.43
N LEU D 168 6.61 29.02 -9.34
CA LEU D 168 6.46 30.31 -8.69
C LEU D 168 5.52 30.20 -7.48
N VAL D 182 -3.46 34.03 -7.50
CA VAL D 182 -3.93 32.67 -7.19
C VAL D 182 -5.36 32.45 -7.71
N PRO D 183 -5.51 31.49 -8.64
CA PRO D 183 -6.76 31.35 -9.44
C PRO D 183 -7.85 30.55 -8.74
N ILE D 184 -8.28 31.06 -7.57
CA ILE D 184 -9.22 30.34 -6.71
C ILE D 184 -10.45 29.91 -7.49
N LYS D 185 -10.95 30.79 -8.35
CA LYS D 185 -12.24 30.48 -8.97
C LYS D 185 -12.13 29.40 -10.04
N TRP D 186 -10.92 28.90 -10.29
CA TRP D 186 -10.69 27.83 -11.23
C TRP D 186 -10.29 26.51 -10.57
N MET D 187 -10.03 26.51 -9.26
CA MET D 187 -9.40 25.33 -8.67
C MET D 187 -10.42 24.43 -8.02
N ALA D 188 -10.02 23.18 -7.84
CA ALA D 188 -10.83 22.21 -7.12
C ALA D 188 -10.88 22.55 -5.63
N LEU D 189 -11.95 22.08 -4.99
CA LEU D 189 -12.08 22.29 -3.55
C LEU D 189 -10.86 21.78 -2.80
N GLU D 190 -10.38 20.57 -3.14
CA GLU D 190 -9.18 20.03 -2.53
C GLU D 190 -7.95 20.92 -2.74
N SER D 191 -8.00 21.87 -3.66
CA SER D 191 -6.84 22.73 -3.89
C SER D 191 -6.98 24.08 -3.19
N ILE D 192 -8.17 24.67 -3.17
CA ILE D 192 -8.40 25.81 -2.29
C ILE D 192 -8.06 25.45 -0.86
N LEU D 193 -8.67 24.38 -0.34
CA LEU D 193 -8.55 24.06 1.08
C LEU D 193 -7.17 23.53 1.42
N HIS D 194 -6.67 22.60 0.62
CA HIS D 194 -5.50 21.79 0.97
C HIS D 194 -4.29 22.03 0.06
N ARG D 195 -4.40 22.92 -0.93
CA ARG D 195 -3.30 23.16 -1.88
C ARG D 195 -2.74 21.85 -2.43
N ILE D 196 -3.64 20.88 -2.63
CA ILE D 196 -3.37 19.63 -3.34
C ILE D 196 -3.66 19.86 -4.82
N TYR D 197 -2.77 19.37 -5.70
CA TYR D 197 -2.90 19.51 -7.16
C TYR D 197 -2.69 18.16 -7.84
N THR D 198 -3.75 17.59 -8.38
CA THR D 198 -3.67 16.35 -9.10
C THR D 198 -4.13 16.54 -10.53
N HIS D 199 -4.09 15.45 -11.31
CA HIS D 199 -4.74 15.48 -12.61
C HIS D 199 -6.24 15.65 -12.48
N GLN D 200 -6.81 15.19 -11.36
CA GLN D 200 -8.24 15.36 -11.13
C GLN D 200 -8.60 16.81 -10.80
N SER D 201 -7.74 17.55 -10.12
CA SER D 201 -8.07 18.95 -9.89
C SER D 201 -8.00 19.74 -11.18
N ASP D 202 -7.01 19.44 -12.03
CA ASP D 202 -6.96 19.99 -13.38
C ASP D 202 -8.29 19.79 -14.12
N VAL D 203 -8.88 18.58 -14.00
CA VAL D 203 -10.18 18.28 -14.59
C VAL D 203 -11.23 19.27 -14.12
N TRP D 204 -11.13 19.69 -12.85
CA TRP D 204 -12.03 20.73 -12.36
C TRP D 204 -11.80 22.01 -13.15
N SER D 205 -10.54 22.43 -13.24
CA SER D 205 -10.25 23.68 -13.95
C SER D 205 -10.64 23.60 -15.41
N TYR D 206 -10.50 22.40 -16.00
CA TYR D 206 -11.02 22.18 -17.35
C TYR D 206 -12.50 22.44 -17.39
N GLY D 207 -13.22 21.95 -16.38
CA GLY D 207 -14.65 22.20 -16.30
C GLY D 207 -14.94 23.68 -16.34
N VAL D 208 -14.20 24.44 -15.54
CA VAL D 208 -14.42 25.88 -15.53
C VAL D 208 -14.06 26.48 -16.88
N THR D 209 -13.00 25.97 -17.49
CA THR D 209 -12.58 26.47 -18.80
C THR D 209 -13.68 26.29 -19.83
N VAL D 210 -14.35 25.13 -19.82
CA VAL D 210 -15.44 24.87 -20.75
C VAL D 210 -16.58 25.84 -20.48
N TRP D 211 -16.89 26.08 -19.20
CA TRP D 211 -17.88 27.11 -18.84
C TRP D 211 -17.47 28.46 -19.38
N GLU D 212 -16.21 28.84 -19.21
CA GLU D 212 -15.75 30.11 -19.78
C GLU D 212 -16.03 30.15 -21.28
N LEU D 213 -15.79 29.03 -21.97
CA LEU D 213 -15.98 29.02 -23.41
C LEU D 213 -17.46 29.11 -23.77
N MET D 214 -18.32 28.38 -23.03
CA MET D 214 -19.72 28.27 -23.41
C MET D 214 -20.50 29.56 -23.10
N THR D 215 -20.05 30.31 -22.11
CA THR D 215 -20.60 31.64 -21.85
C THR D 215 -19.89 32.71 -22.63
N PHE D 216 -19.08 32.33 -23.62
CA PHE D 216 -18.38 33.28 -24.47
C PHE D 216 -17.54 34.24 -23.63
N GLY D 217 -16.97 33.71 -22.56
CA GLY D 217 -16.01 34.46 -21.81
C GLY D 217 -16.55 35.19 -20.60
N SER D 218 -17.62 34.69 -19.98
CA SER D 218 -18.07 35.33 -18.77
C SER D 218 -17.09 35.07 -17.63
N LYS D 219 -17.08 35.97 -16.66
CA LYS D 219 -16.22 35.77 -15.50
C LYS D 219 -16.89 34.80 -14.53
N PRO D 220 -16.24 33.69 -14.16
CA PRO D 220 -16.90 32.75 -13.24
C PRO D 220 -17.09 33.35 -11.85
N TYR D 221 -18.24 33.05 -11.23
CA TYR D 221 -18.59 33.61 -9.91
C TYR D 221 -18.35 35.13 -9.86
N ASP D 222 -18.83 35.85 -10.86
CA ASP D 222 -18.59 37.28 -10.96
C ASP D 222 -19.22 38.04 -9.80
N GLY D 223 -18.40 38.87 -9.14
CA GLY D 223 -18.81 39.64 -8.00
C GLY D 223 -18.55 38.95 -6.66
N ILE D 224 -18.53 37.62 -6.67
CA ILE D 224 -18.34 36.85 -5.45
C ILE D 224 -16.86 36.83 -5.07
N PRO D 225 -16.47 37.42 -3.94
CA PRO D 225 -15.04 37.38 -3.56
C PRO D 225 -14.56 35.94 -3.47
N ALA D 226 -13.36 35.70 -3.99
CA ALA D 226 -12.70 34.39 -3.91
C ALA D 226 -12.47 33.91 -2.48
N SER D 227 -12.47 34.80 -1.50
CA SER D 227 -12.35 34.36 -0.11
C SER D 227 -13.48 33.41 0.28
N GLU D 228 -14.66 33.58 -0.29
N GLU D 228 -14.67 33.57 -0.29
CA GLU D 228 -15.84 32.83 0.11
CA GLU D 228 -15.86 32.83 0.10
C GLU D 228 -16.19 31.69 -0.83
C GLU D 228 -16.23 31.73 -0.89
N ILE D 229 -15.34 31.41 -1.82
CA ILE D 229 -15.68 30.41 -2.83
C ILE D 229 -15.70 29.02 -2.22
N SER D 230 -14.76 28.74 -1.32
CA SER D 230 -14.75 27.42 -0.71
C SER D 230 -15.99 27.18 0.15
N SER D 231 -16.63 28.22 0.68
CA SER D 231 -17.87 28.01 1.41
C SER D 231 -19.02 27.69 0.48
N ILE D 232 -19.17 28.46 -0.60
CA ILE D 232 -20.29 28.18 -1.49
C ILE D 232 -20.12 26.83 -2.15
N LEU D 233 -18.86 26.46 -2.41
CA LEU D 233 -18.58 25.16 -3.01
C LEU D 233 -18.94 24.04 -2.05
N GLU D 234 -18.64 24.23 -0.77
CA GLU D 234 -19.04 23.25 0.22
C GLU D 234 -20.56 23.14 0.33
N LYS D 235 -21.28 24.27 0.18
CA LYS D 235 -22.74 24.24 0.24
C LYS D 235 -23.37 23.67 -1.03
N GLY D 236 -22.58 23.28 -2.03
CA GLY D 236 -23.12 22.61 -3.19
C GLY D 236 -23.49 23.50 -4.35
N GLU D 237 -23.09 24.77 -4.33
CA GLU D 237 -23.39 25.67 -5.43
C GLU D 237 -22.34 25.53 -6.51
N ARG D 238 -22.79 25.53 -7.75
CA ARG D 238 -21.93 25.42 -8.90
C ARG D 238 -22.27 26.50 -9.88
N LEU D 239 -21.43 26.64 -10.88
CA LEU D 239 -21.68 27.62 -11.92
C LEU D 239 -22.98 27.27 -12.64
N PRO D 240 -23.71 28.27 -13.12
CA PRO D 240 -25.00 28.02 -13.76
C PRO D 240 -24.82 27.46 -15.16
N GLN D 241 -25.80 26.69 -15.59
CA GLN D 241 -25.85 26.20 -16.96
C GLN D 241 -25.84 27.34 -17.99
N PRO D 242 -24.82 27.43 -18.83
CA PRO D 242 -24.83 28.44 -19.92
C PRO D 242 -26.04 28.28 -20.83
N PRO D 243 -26.55 29.39 -21.36
CA PRO D 243 -27.74 29.32 -22.22
C PRO D 243 -27.61 28.39 -23.40
N ILE D 244 -26.43 28.27 -24.00
CA ILE D 244 -26.28 27.50 -25.25
C ILE D 244 -25.94 26.06 -24.98
N CYS D 245 -25.90 25.64 -23.72
CA CYS D 245 -25.54 24.28 -23.35
C CYS D 245 -26.77 23.41 -23.21
N THR D 246 -26.76 22.26 -23.91
CA THR D 246 -27.71 21.20 -23.60
C THR D 246 -27.32 20.54 -22.29
N ILE D 247 -28.24 19.73 -21.76
CA ILE D 247 -27.97 19.10 -20.48
C ILE D 247 -26.85 18.08 -20.59
N ASP D 248 -26.71 17.42 -21.75
CA ASP D 248 -25.54 16.56 -21.95
C ASP D 248 -24.24 17.31 -21.65
N VAL D 249 -24.05 18.50 -22.27
CA VAL D 249 -22.84 19.29 -22.02
C VAL D 249 -22.71 19.54 -20.53
N TYR D 250 -23.81 20.04 -19.94
CA TYR D 250 -23.80 20.57 -18.58
C TYR D 250 -23.50 19.48 -17.56
N MET D 251 -24.05 18.27 -17.77
CA MET D 251 -23.70 17.19 -16.85
C MET D 251 -22.22 16.89 -16.84
N ILE D 252 -21.54 17.09 -17.97
CA ILE D 252 -20.09 16.90 -17.98
C ILE D 252 -19.42 17.94 -17.12
N MET D 253 -19.81 19.20 -17.31
CA MET D 253 -19.23 20.25 -16.47
C MET D 253 -19.54 20.00 -15.00
N ARG D 254 -20.78 19.64 -14.69
CA ARG D 254 -21.14 19.37 -13.30
C ARG D 254 -20.29 18.26 -12.73
N LYS D 255 -20.16 17.15 -13.47
CA LYS D 255 -19.30 16.03 -13.05
C LYS D 255 -17.89 16.52 -12.73
N CYS D 256 -17.38 17.48 -13.51
CA CYS D 256 -16.03 17.97 -13.32
C CYS D 256 -15.86 18.66 -11.96
N TRP D 257 -16.96 19.16 -11.41
CA TRP D 257 -16.95 19.94 -10.17
C TRP D 257 -17.50 19.13 -9.00
N MET D 258 -17.16 17.83 -8.95
CA MET D 258 -17.63 16.97 -7.88
C MET D 258 -16.60 16.95 -6.77
N ILE D 259 -17.09 16.91 -5.53
CA ILE D 259 -16.22 17.00 -4.36
C ILE D 259 -15.25 15.84 -4.34
N ASP D 260 -15.74 14.63 -4.62
CA ASP D 260 -14.90 13.44 -4.67
C ASP D 260 -14.08 13.51 -5.96
N ALA D 261 -12.80 13.88 -5.83
CA ALA D 261 -11.91 14.02 -6.99
C ALA D 261 -11.93 12.79 -7.88
N ASP D 262 -12.21 11.62 -7.31
CA ASP D 262 -12.14 10.37 -8.04
C ASP D 262 -13.41 10.08 -8.82
N SER D 263 -14.43 10.92 -8.69
CA SER D 263 -15.67 10.74 -9.42
C SER D 263 -15.81 11.70 -10.60
N ARG D 264 -14.96 12.72 -10.65
CA ARG D 264 -14.86 13.54 -11.83
C ARG D 264 -14.46 12.69 -13.04
N PRO D 265 -14.72 13.19 -14.24
CA PRO D 265 -14.28 12.47 -15.44
C PRO D 265 -12.76 12.41 -15.52
N LYS D 266 -12.28 11.49 -16.35
CA LYS D 266 -10.88 11.47 -16.76
C LYS D 266 -10.74 12.12 -18.12
N PHE D 267 -9.60 12.77 -18.31
CA PHE D 267 -9.33 13.44 -19.58
C PHE D 267 -9.48 12.49 -20.76
N ARG D 268 -9.16 11.21 -20.58
CA ARG D 268 -9.39 10.27 -21.68
C ARG D 268 -10.86 10.17 -22.03
N GLU D 269 -11.74 10.16 -21.01
CA GLU D 269 -13.18 10.15 -21.25
C GLU D 269 -13.68 11.47 -21.83
N LEU D 270 -13.15 12.58 -21.33
CA LEU D 270 -13.54 13.87 -21.90
C LEU D 270 -13.23 13.93 -23.40
N ILE D 271 -12.11 13.35 -23.84
CA ILE D 271 -11.82 13.34 -25.26
C ILE D 271 -12.93 12.63 -26.02
N ILE D 272 -13.24 11.39 -25.61
CA ILE D 272 -14.20 10.60 -26.37
C ILE D 272 -15.55 11.28 -26.38
N GLU D 273 -16.00 11.78 -25.23
CA GLU D 273 -17.35 12.34 -25.14
C GLU D 273 -17.50 13.58 -26.00
N PHE D 274 -16.60 14.56 -25.84
CA PHE D 274 -16.68 15.76 -26.67
C PHE D 274 -16.44 15.47 -28.15
N SER D 275 -15.63 14.45 -28.48
CA SER D 275 -15.50 14.03 -29.87
C SER D 275 -16.86 13.64 -30.44
N LYS D 276 -17.48 12.63 -29.84
CA LYS D 276 -18.85 12.23 -30.16
C LYS D 276 -19.76 13.43 -30.38
N MET D 277 -19.69 14.42 -29.50
CA MET D 277 -20.59 15.55 -29.61
C MET D 277 -20.26 16.40 -30.83
N ALA D 278 -18.98 16.48 -31.16
CA ALA D 278 -18.57 17.22 -32.33
C ALA D 278 -19.05 16.60 -33.63
N ARG D 279 -19.34 15.28 -33.66
CA ARG D 279 -19.84 14.73 -34.94
C ARG D 279 -21.29 15.10 -35.18
N ASP D 280 -21.98 15.62 -34.18
CA ASP D 280 -23.36 16.09 -34.30
C ASP D 280 -23.48 17.41 -33.56
N PRO D 281 -22.66 18.39 -33.95
CA PRO D 281 -22.49 19.58 -33.08
C PRO D 281 -23.77 20.31 -32.78
N GLN D 282 -24.73 20.32 -33.70
CA GLN D 282 -25.94 21.11 -33.44
C GLN D 282 -26.83 20.43 -32.40
N ARG D 283 -26.66 19.13 -32.19
CA ARG D 283 -27.50 18.43 -31.23
C ARG D 283 -27.11 18.74 -29.80
N TYR D 284 -25.88 19.14 -29.55
CA TYR D 284 -25.43 19.32 -28.18
C TYR D 284 -25.18 20.77 -27.83
N LEU D 285 -25.20 21.66 -28.82
CA LEU D 285 -25.16 23.08 -28.56
C LEU D 285 -26.22 23.77 -29.38
N VAL D 286 -26.86 24.74 -28.76
CA VAL D 286 -27.95 25.49 -29.36
C VAL D 286 -27.43 26.90 -29.56
N ILE D 287 -27.22 27.27 -30.81
CA ILE D 287 -26.64 28.55 -31.12
C ILE D 287 -27.48 29.21 -32.18
N GLN D 288 -27.62 30.52 -32.07
CA GLN D 288 -28.40 31.27 -33.00
C GLN D 288 -27.54 31.68 -34.19
N GLY D 289 -27.99 31.35 -35.42
CA GLY D 289 -27.20 31.45 -36.62
C GLY D 289 -26.45 30.18 -36.97
N ASP D 290 -26.49 29.18 -36.09
CA ASP D 290 -25.63 28.00 -36.21
C ASP D 290 -25.69 27.27 -37.55
N GLU D 291 -26.76 27.52 -38.33
CA GLU D 291 -26.79 26.91 -39.65
C GLU D 291 -26.03 27.73 -40.68
N ARG D 292 -25.71 28.99 -40.38
CA ARG D 292 -25.01 29.92 -41.28
C ARG D 292 -23.74 30.47 -40.62
N MET D 293 -23.03 29.59 -39.92
CA MET D 293 -21.79 29.93 -39.25
C MET D 293 -20.65 29.18 -39.88
N HIS D 294 -19.46 29.75 -39.74
CA HIS D 294 -18.30 29.25 -40.47
C HIS D 294 -17.70 28.01 -39.81
N LEU D 295 -17.01 27.21 -40.64
CA LEU D 295 -16.17 26.04 -40.39
C LEU D 295 -15.33 25.86 -41.65
N PRO D 296 -14.09 25.37 -41.55
CA PRO D 296 -13.15 25.62 -42.65
C PRO D 296 -13.45 24.86 -43.93
N SER D 297 -13.65 23.53 -43.83
CA SER D 297 -13.62 22.58 -44.93
C SER D 297 -12.16 22.37 -45.30
N PRO D 298 -11.83 21.41 -46.20
CA PRO D 298 -10.40 21.14 -46.44
C PRO D 298 -9.64 22.31 -47.02
N THR D 299 -10.23 23.03 -47.97
CA THR D 299 -9.57 24.15 -48.63
C THR D 299 -9.15 25.20 -47.61
N ASP D 300 -10.11 25.82 -46.91
CA ASP D 300 -9.73 26.88 -46.00
C ASP D 300 -8.82 26.38 -44.88
N SER D 301 -8.99 25.14 -44.43
CA SER D 301 -8.08 24.62 -43.42
C SER D 301 -6.68 24.33 -43.96
N ASN D 302 -6.57 23.91 -45.22
CA ASN D 302 -5.23 23.68 -45.76
C ASN D 302 -4.44 24.98 -45.92
N PHE D 303 -5.11 26.11 -46.10
CA PHE D 303 -4.42 27.40 -46.23
C PHE D 303 -3.74 27.80 -44.93
N TYR D 304 -4.52 27.95 -43.86
CA TYR D 304 -3.98 28.24 -42.53
C TYR D 304 -2.81 27.31 -42.20
N ARG D 305 -2.97 26.06 -42.61
CA ARG D 305 -2.03 25.02 -42.22
C ARG D 305 -0.68 25.21 -42.90
N ALA D 306 -0.68 25.59 -44.18
CA ALA D 306 0.56 25.73 -44.94
C ALA D 306 1.31 27.00 -44.59
N LEU D 307 0.60 28.08 -44.34
CA LEU D 307 1.24 29.32 -43.92
C LEU D 307 1.69 29.27 -42.45
N MET D 308 0.76 29.01 -41.53
CA MET D 308 0.92 29.25 -40.09
C MET D 308 1.17 28.01 -39.25
N ASP D 309 0.49 26.91 -39.54
CA ASP D 309 0.42 25.79 -38.61
C ASP D 309 0.79 24.49 -39.33
N GLU D 310 2.09 24.23 -39.51
CA GLU D 310 2.53 23.06 -40.29
C GLU D 310 2.82 21.84 -39.43
N GLU D 311 2.58 21.98 -38.14
CA GLU D 311 2.69 20.90 -37.15
C GLU D 311 1.81 19.70 -37.50
N ASP D 312 2.27 18.54 -37.05
CA ASP D 312 1.77 17.21 -37.42
C ASP D 312 0.26 17.07 -37.32
N MET D 313 -0.28 17.05 -36.11
CA MET D 313 -1.73 16.93 -35.91
C MET D 313 -2.26 18.34 -35.59
N VAL D 316 -9.16 18.20 -36.12
CA VAL D 316 -10.09 17.32 -36.88
C VAL D 316 -11.54 17.44 -36.38
N VAL D 317 -12.20 16.31 -36.07
CA VAL D 317 -13.61 16.21 -35.56
C VAL D 317 -14.63 17.04 -36.38
N ASP D 318 -15.45 16.35 -37.16
CA ASP D 318 -16.47 16.97 -38.06
C ASP D 318 -17.87 16.35 -37.93
N ALA D 319 -18.88 17.03 -38.48
CA ALA D 319 -20.26 16.58 -38.46
C ALA D 319 -20.49 15.46 -39.47
N ASP D 320 -21.27 14.45 -39.07
CA ASP D 320 -21.70 13.40 -39.99
C ASP D 320 -23.05 13.75 -40.64
MG MG E . 3.68 16.00 17.81
PG ANP F . 5.08 16.84 14.58
O1G ANP F . 4.11 16.14 15.49
O2G ANP F . 4.30 17.69 13.50
O3G ANP F . 5.95 15.75 13.88
PB ANP F . 5.64 18.44 16.87
O1B ANP F . 5.37 17.29 17.77
O2B ANP F . 6.71 19.28 17.64
N3B ANP F . 6.18 17.80 15.42
PA ANP F . 2.95 19.11 17.43
O1A ANP F . 2.03 20.15 16.88
O2A ANP F . 2.46 17.66 17.24
O3A ANP F . 4.35 19.32 16.65
O5' ANP F . 3.29 19.48 18.95
C5' ANP F . 3.36 20.90 19.28
C4' ANP F . 3.92 21.08 20.66
O4' ANP F . 2.91 20.74 21.64
C3' ANP F . 5.14 20.22 20.96
O3' ANP F . 6.13 21.00 21.63
C2' ANP F . 4.56 19.07 21.79
O2' ANP F . 5.46 18.53 22.75
C1' ANP F . 3.42 19.76 22.53
N9 ANP F . 2.34 18.85 22.88
C8 ANP F . 1.67 18.03 21.99
N7 ANP F . 0.75 17.28 22.55
C5 ANP F . 0.80 17.64 23.89
C6 ANP F . 0.06 17.22 25.02
N6 ANP F . -0.91 16.31 24.95
N1 ANP F . 0.37 17.78 26.22
C2 ANP F . 1.33 18.70 26.27
N3 ANP F . 2.09 19.18 25.28
C4 ANP F . 1.78 18.61 24.12
C10 IXC G . -0.15 -0.37 -23.62
C13 IXC G . 1.02 -2.01 -26.99
C15 IXC G . -0.23 -0.10 -27.49
C17 IXC G . -1.75 1.85 -28.40
C20 IXC G . -3.60 3.97 -28.43
C22 IXC G . -6.04 4.68 -28.49
C26 IXC G . -4.44 6.16 -27.39
C28 IXC G . -2.31 2.35 -29.60
C02 IXC G . 4.32 -5.39 -20.39
C04 IXC G . 3.31 -3.35 -21.66
C05 IXC G . 4.48 -2.95 -22.33
C06 IXC G . 4.42 -1.82 -23.10
C07 IXC G . 3.25 -1.08 -23.20
C08 IXC G . 2.10 -1.51 -22.53
C09 IXC G . 0.68 -0.73 -22.55
C11 IXC G . 0.11 -0.68 -25.17
C12 IXC G . 0.86 -1.79 -25.62
C18 IXC G . -2.12 2.45 -27.21
C19 IXC G . -3.07 3.51 -27.22
C23 IXC G . -7.06 5.72 -28.01
C25 IXC G . -5.31 7.38 -27.70
C27 IXC G . -3.24 3.40 -29.61
C29 IXC G . -0.44 0.15 -26.12
C31 IXC G . -1.08 0.33 -21.77
C33 IXC G . -3.01 -0.49 -19.89
C35 IXC G . 2.17 -2.64 -21.77
C36 IXC G . 3.85 -6.60 -19.63
C37 IXC G . 3.55 -6.48 -18.26
C38 IXC G . 3.72 -5.11 -17.54
C40 IXC G . 4.74 -4.39 -15.30
C41 IXC G . 6.03 -4.70 -14.50
C42 IXC G . 6.50 -4.25 -13.26
C43 IXC G . 7.73 -4.68 -12.75
C44 IXC G . 8.51 -5.58 -13.49
C45 IXC G . 8.05 -6.05 -14.73
C46 IXC G . 6.80 -5.60 -15.24
C47 IXC G . 6.03 -5.90 -16.55
C49 IXC G . 3.11 -7.60 -17.61
C51 IXC G . 2.97 -8.76 -18.30
C52 IXC G . 3.27 -8.87 -19.68
C53 IXC G . 3.71 -7.76 -20.34
N03 IXC G . 3.21 -4.57 -20.84
N14 IXC G . 0.48 -1.17 -27.87
N16 IXC G . -0.79 0.76 -28.52
N21 IXC G . -4.60 5.09 -28.42
N24 IXC G . -6.63 7.09 -28.13
N30 IXC G . -1.23 0.27 -23.11
N34 IXC G . 0.10 -0.31 -21.45
N39 IXC G . 4.78 -5.15 -16.51
O01 IXC G . 5.47 -5.18 -20.66
O48 IXC G . 3.83 -3.68 -15.01
O50 IXC G . 2.81 -7.55 -16.27
S32 IXC G . -2.19 1.03 -20.49
MG MG H . 2.75 -23.05 18.74
PG ANP I . 4.68 -22.40 15.70
O1G ANP I . 5.47 -23.57 15.19
O2G ANP I . 3.59 -22.87 16.74
O3G ANP I . 4.01 -21.71 14.46
PB ANP I . 5.34 -20.57 17.85
O1B ANP I . 4.96 -21.55 18.88
O2B ANP I . 6.59 -19.85 18.44
N3B ANP I . 5.81 -21.38 16.44
PA ANP I . 2.69 -19.62 18.31
O1A ANP I . 2.25 -21.03 18.49
O2A ANP I . 1.72 -18.81 17.42
O3A ANP I . 4.16 -19.53 17.62
O5' ANP I . 2.81 -18.97 19.77
C5' ANP I . 3.61 -17.79 19.94
C4' ANP I . 3.80 -17.56 21.40
O4' ANP I . 2.59 -17.91 22.11
C3' ANP I . 4.93 -18.37 22.07
O3' ANP I . 5.66 -17.54 22.96
C2' ANP I . 4.16 -19.43 22.87
O2' ANP I . 4.89 -19.81 24.02
C1' ANP I . 2.92 -18.64 23.26
N9 ANP I . 1.78 -19.44 23.69
C8 ANP I . 1.04 -20.31 22.91
N7 ANP I . 0.06 -20.89 23.57
C5 ANP I . 0.16 -20.36 24.85
C6 ANP I . -0.59 -20.57 26.04
N6 ANP I . -1.62 -21.41 26.10
N1 ANP I . -0.23 -19.89 27.14
C2 ANP I . 0.82 -19.05 27.07
N3 ANP I . 1.59 -18.78 26.01
C4 ANP I . 1.22 -19.46 24.94
MG MG J . -1.12 32.81 -19.58
PG ANP K . -1.95 33.81 -15.96
O1G ANP K . -1.14 33.10 -17.01
O2G ANP K . -0.97 34.67 -15.08
O3G ANP K . -2.68 32.78 -15.03
PB ANP K . -2.75 35.57 -18.13
O1B ANP K . -2.65 34.53 -19.18
O2B ANP K . -3.87 36.50 -18.69
N3B ANP K . -3.13 34.79 -16.67
PA ANP K . -0.06 36.16 -18.62
O1A ANP K . 0.14 34.73 -19.03
O2A ANP K . 0.98 36.67 -17.61
O3A ANP K . -1.45 36.42 -17.90
O5' ANP K . -0.13 37.05 -19.94
C5' ANP K . -0.77 36.53 -21.12
C4' ANP K . -1.15 37.66 -22.03
O4' ANP K . -0.27 37.67 -23.17
C3' ANP K . -2.53 37.48 -22.65
O3' ANP K . -3.03 38.72 -23.17
C2' ANP K . -2.23 36.46 -23.74
O2' ANP K . -3.22 36.51 -24.77
C1' ANP K . -0.85 36.94 -24.23
N9 ANP K . 0.07 35.87 -24.66
C8 ANP K . 0.68 34.93 -23.86
N7 ANP K . 1.46 34.11 -24.52
C5 ANP K . 1.36 34.53 -25.84
C6 ANP K . 1.92 34.07 -27.05
N6 ANP K . 2.76 33.03 -27.13
N1 ANP K . 1.61 34.73 -28.19
C2 ANP K . 0.77 35.77 -28.11
N3 ANP K . 0.16 36.28 -27.04
C4 ANP K . 0.49 35.62 -25.93
#